data_7LYW
#
_entry.id   7LYW
#
_cell.length_a   180.870
_cell.length_b   180.870
_cell.length_c   138.850
_cell.angle_alpha   90.000
_cell.angle_beta   90.000
_cell.angle_gamma   90.000
#
_symmetry.space_group_name_H-M   'P 43 21 2'
#
loop_
_entity.id
_entity.type
_entity.pdbx_description
1 polymer '2-25 Fab Heavy Chain'
2 polymer '2-25 Fab Light Chain'
3 water water
#
loop_
_entity_poly.entity_id
_entity_poly.type
_entity_poly.pdbx_seq_one_letter_code
_entity_poly.pdbx_strand_id
1 'polypeptide(L)'
;(PCA)VQLVESGAEVKKPGASVKVSCKASGYTFTNYAIHWVRQAPGQRLEWMGWINAGRGNTKYSQKFQGRVTITRDTSA
STAYMELSSLRSEDAAVYFCARDESTGDYYYYMDVWGKGTTVTVSSASTKGPSVFPLAPSSKSTSGGTAALGCLVKDYFP
EPVTVSWNSGALTSGVHTFPAVLQSSGLYSLSSVVTVPSSSLGTQTYICNVNHKPSNTKVDKKVEPKSCDKGLEVLFQ
;
A,C,H
2 'polypeptide(L)'
;SYELTQPPSVSVSPGQTASITCSGDRLDDKYASWYQQKAGQSPVLVIYQDNKRPSGIPERFSGSNSGNTATLTISGTQAM
DEADYYCQAWDSDTYVFGTGTKVTVLGQPKAAPSVTLFPPSSEELQANKATLVCLISDFYPGAVTVAWKADSSPVKAGVE
TTTPSKQSNNKYAASSYLSLTPEQWKSHKSYSCQVTHEGSTVEKTVAPTECS
;
B,D,L
#
# COMPACT_ATOMS: atom_id res chain seq x y z
N VAL A 2 -38.32 8.32 -0.51
CA VAL A 2 -37.11 7.69 -0.97
C VAL A 2 -36.53 6.87 0.19
N GLN A 3 -36.39 5.56 0.02
CA GLN A 3 -35.68 4.80 1.03
C GLN A 3 -34.85 3.66 0.41
N LEU A 4 -33.75 3.37 1.07
CA LEU A 4 -32.81 2.33 0.65
C LEU A 4 -32.76 1.30 1.76
N VAL A 5 -32.93 0.02 1.41
CA VAL A 5 -32.93 -1.03 2.41
C VAL A 5 -31.91 -2.10 2.03
N GLU A 6 -30.91 -2.28 2.90
CA GLU A 6 -29.90 -3.30 2.67
C GLU A 6 -30.37 -4.65 3.19
N SER A 7 -29.75 -5.69 2.66
CA SER A 7 -30.03 -7.04 3.11
C SER A 7 -29.39 -7.31 4.51
N GLY A 8 -29.80 -8.42 5.09
CA GLY A 8 -29.41 -8.79 6.45
C GLY A 8 -27.93 -9.07 6.64
N ALA A 9 -27.58 -9.05 7.93
CA ALA A 9 -26.23 -9.25 8.42
C ALA A 9 -25.64 -10.59 7.97
N GLU A 10 -24.34 -10.58 7.70
CA GLU A 10 -23.65 -11.74 7.18
C GLU A 10 -22.45 -12.08 8.05
N VAL A 11 -22.16 -13.38 8.14
CA VAL A 11 -21.03 -13.91 8.89
C VAL A 11 -20.19 -14.75 7.92
N LYS A 12 -18.94 -14.35 7.70
CA LYS A 12 -18.12 -14.97 6.66
C LYS A 12 -16.74 -15.32 7.18
N LYS A 13 -16.12 -16.41 6.55
CA LYS A 13 -14.75 -16.79 6.87
C LYS A 13 -13.78 -15.99 6.04
N PRO A 14 -12.57 -15.74 6.54
CA PRO A 14 -11.56 -15.10 5.70
C PRO A 14 -11.38 -15.86 4.39
N GLY A 15 -11.20 -15.11 3.30
CA GLY A 15 -11.10 -15.66 1.97
C GLY A 15 -12.42 -15.87 1.25
N ALA A 16 -13.55 -15.85 1.96
CA ALA A 16 -14.85 -16.01 1.32
C ALA A 16 -15.25 -14.71 0.58
N SER A 17 -16.39 -14.76 -0.08
CA SER A 17 -16.93 -13.56 -0.71
C SER A 17 -18.34 -13.32 -0.16
N VAL A 18 -18.77 -12.07 -0.21
CA VAL A 18 -20.07 -11.65 0.29
C VAL A 18 -20.76 -10.78 -0.77
N LYS A 19 -22.07 -10.94 -0.90
CA LYS A 19 -22.90 -10.13 -1.80
C LYS A 19 -24.00 -9.45 -0.96
N VAL A 20 -23.93 -8.14 -0.84
CA VAL A 20 -24.95 -7.36 -0.15
C VAL A 20 -25.87 -6.72 -1.19
N SER A 21 -27.16 -6.68 -0.92
CA SER A 21 -28.05 -5.99 -1.82
C SER A 21 -28.63 -4.76 -1.15
N CYS A 22 -29.11 -3.85 -1.97
CA CYS A 22 -29.70 -2.59 -1.56
C CYS A 22 -30.99 -2.42 -2.36
N LYS A 23 -32.11 -2.47 -1.69
CA LYS A 23 -33.39 -2.38 -2.36
C LYS A 23 -33.86 -0.93 -2.29
N ALA A 24 -34.09 -0.31 -3.45
CA ALA A 24 -34.50 1.09 -3.54
C ALA A 24 -36.01 1.22 -3.81
N SER A 25 -36.64 2.23 -3.22
CA SER A 25 -38.06 2.47 -3.43
C SER A 25 -38.37 3.96 -3.27
N GLY A 26 -39.50 4.37 -3.86
CA GLY A 26 -39.98 5.74 -3.71
C GLY A 26 -39.47 6.73 -4.75
N TYR A 27 -38.82 6.26 -5.81
CA TYR A 27 -38.33 7.14 -6.87
C TYR A 27 -38.02 6.25 -8.05
N THR A 28 -37.65 6.87 -9.17
CA THR A 28 -37.32 6.15 -10.40
C THR A 28 -35.87 5.64 -10.32
N PHE A 29 -35.72 4.35 -10.03
CA PHE A 29 -34.41 3.73 -9.77
C PHE A 29 -33.37 4.12 -10.82
N THR A 30 -33.79 4.20 -12.09
CA THR A 30 -32.97 4.38 -13.28
C THR A 30 -32.38 5.79 -13.45
N ASN A 31 -32.82 6.77 -12.67
CA ASN A 31 -32.33 8.12 -12.81
C ASN A 31 -31.21 8.44 -11.84
N TYR A 32 -30.77 7.50 -11.01
CA TYR A 32 -29.80 7.83 -9.99
C TYR A 32 -28.69 6.78 -9.91
N ALA A 33 -27.56 7.22 -9.40
CA ALA A 33 -26.50 6.28 -9.07
C ALA A 33 -26.65 5.87 -7.61
N ILE A 34 -26.23 4.63 -7.30
CA ILE A 34 -26.19 4.11 -5.94
C ILE A 34 -24.74 3.93 -5.54
N HIS A 35 -24.37 4.46 -4.37
CA HIS A 35 -23.06 4.34 -3.77
C HIS A 35 -23.01 3.21 -2.75
N TRP A 36 -21.83 2.64 -2.57
CA TRP A 36 -21.56 1.75 -1.45
C TRP A 36 -20.46 2.33 -0.59
N VAL A 37 -20.72 2.40 0.71
CA VAL A 37 -19.81 3.00 1.67
C VAL A 37 -19.72 2.05 2.84
N ARG A 38 -18.53 1.89 3.41
CA ARG A 38 -18.36 1.01 4.54
C ARG A 38 -17.74 1.76 5.72
N GLN A 39 -17.96 1.19 6.89
CA GLN A 39 -17.47 1.78 8.13
C GLN A 39 -17.02 0.64 9.05
N ALA A 40 -15.72 0.50 9.24
CA ALA A 40 -15.24 -0.44 10.25
C ALA A 40 -15.53 0.11 11.64
N PRO A 41 -15.65 -0.76 12.65
CA PRO A 41 -16.00 -0.30 14.01
C PRO A 41 -15.12 0.85 14.50
N GLY A 42 -15.77 2.00 14.77
CA GLY A 42 -15.09 3.17 15.29
C GLY A 42 -14.30 3.99 14.28
N GLN A 43 -14.44 3.73 12.99
CA GLN A 43 -13.60 4.37 11.99
C GLN A 43 -14.43 5.26 11.07
N ARG A 44 -13.75 5.95 10.17
CA ARG A 44 -14.42 6.87 9.26
C ARG A 44 -15.22 6.10 8.22
N LEU A 45 -16.20 6.81 7.63
CA LEU A 45 -16.87 6.33 6.44
C LEU A 45 -15.85 6.19 5.31
N GLU A 46 -15.99 5.14 4.51
CA GLU A 46 -15.06 4.84 3.43
C GLU A 46 -15.82 4.53 2.14
N TRP A 47 -15.63 5.36 1.13
CA TRP A 47 -16.29 5.15 -0.14
C TRP A 47 -15.75 3.89 -0.84
N MET A 48 -16.66 3.08 -1.38
CA MET A 48 -16.29 1.89 -2.14
C MET A 48 -16.51 2.03 -3.65
N GLY A 49 -17.59 2.68 -4.07
CA GLY A 49 -17.87 2.81 -5.49
C GLY A 49 -19.32 3.15 -5.70
N TRP A 50 -19.67 3.37 -6.96
CA TRP A 50 -21.06 3.63 -7.30
C TRP A 50 -21.42 2.99 -8.63
N ILE A 51 -22.71 2.76 -8.83
CA ILE A 51 -23.22 2.33 -10.12
C ILE A 51 -24.35 3.28 -10.52
N ASN A 52 -24.32 3.72 -11.77
CA ASN A 52 -25.42 4.47 -12.36
C ASN A 52 -26.49 3.43 -12.67
N ALA A 53 -27.61 3.48 -11.95
CA ALA A 53 -28.62 2.43 -12.10
C ALA A 53 -29.25 2.40 -13.49
N GLY A 54 -29.18 3.50 -14.24
CA GLY A 54 -29.71 3.51 -15.59
C GLY A 54 -28.79 2.85 -16.59
N ARG A 55 -27.67 3.52 -16.93
CA ARG A 55 -26.71 3.00 -17.88
C ARG A 55 -25.98 1.74 -17.38
N GLY A 56 -25.78 1.60 -16.07
CA GLY A 56 -25.02 0.47 -15.56
C GLY A 56 -23.53 0.69 -15.41
N ASN A 57 -23.00 1.86 -15.79
CA ASN A 57 -21.60 2.14 -15.60
C ASN A 57 -21.28 2.33 -14.13
N THR A 58 -20.01 2.15 -13.79
CA THR A 58 -19.54 2.13 -12.42
C THR A 58 -18.27 2.96 -12.28
N LYS A 59 -17.95 3.28 -11.03
CA LYS A 59 -16.65 3.80 -10.65
C LYS A 59 -16.31 3.15 -9.31
N TYR A 60 -15.07 2.71 -9.16
CA TYR A 60 -14.63 2.03 -7.95
C TYR A 60 -13.49 2.78 -7.30
N SER A 61 -13.49 2.79 -5.98
CA SER A 61 -12.31 3.23 -5.26
C SER A 61 -11.14 2.32 -5.61
N GLN A 62 -9.98 2.92 -5.87
CA GLN A 62 -8.82 2.11 -6.21
C GLN A 62 -8.20 1.42 -4.99
N LYS A 63 -8.56 1.87 -3.79
CA LYS A 63 -8.09 1.22 -2.57
C LYS A 63 -8.56 -0.23 -2.48
N PHE A 64 -9.55 -0.65 -3.26
CA PHE A 64 -10.02 -2.00 -3.02
C PHE A 64 -9.39 -3.01 -3.96
N GLN A 65 -8.47 -2.56 -4.84
CA GLN A 65 -7.59 -3.48 -5.57
C GLN A 65 -8.41 -4.44 -6.45
N GLY A 66 -9.49 -3.95 -7.03
CA GLY A 66 -10.39 -4.78 -7.83
C GLY A 66 -10.97 -5.98 -7.10
N ARG A 67 -11.30 -5.81 -5.83
CA ARG A 67 -12.04 -6.80 -5.06
C ARG A 67 -13.53 -6.51 -5.02
N VAL A 68 -13.95 -5.35 -5.51
CA VAL A 68 -15.32 -4.88 -5.47
C VAL A 68 -15.98 -5.03 -6.83
N THR A 69 -17.18 -5.60 -6.85
CA THR A 69 -18.01 -5.60 -8.05
C THR A 69 -19.38 -5.07 -7.64
N ILE A 70 -19.82 -4.00 -8.30
CA ILE A 70 -21.13 -3.42 -8.09
C ILE A 70 -21.97 -3.67 -9.33
N THR A 71 -23.19 -4.19 -9.13
CA THR A 71 -24.14 -4.45 -10.21
C THR A 71 -25.51 -3.92 -9.79
N ARG A 72 -26.46 -3.92 -10.72
CA ARG A 72 -27.83 -3.52 -10.39
C ARG A 72 -28.80 -4.30 -11.23
N ASP A 73 -30.02 -4.43 -10.73
CA ASP A 73 -31.14 -5.09 -11.40
C ASP A 73 -32.28 -4.08 -11.50
N THR A 74 -32.52 -3.56 -12.71
CA THR A 74 -33.43 -2.42 -12.86
C THR A 74 -34.88 -2.81 -12.53
N SER A 75 -35.34 -3.96 -12.99
CA SER A 75 -36.73 -4.33 -12.69
C SER A 75 -36.94 -4.62 -11.21
N ALA A 76 -35.89 -5.06 -10.50
CA ALA A 76 -35.96 -5.27 -9.07
C ALA A 76 -35.70 -4.02 -8.24
N SER A 77 -35.27 -2.91 -8.86
CA SER A 77 -34.82 -1.72 -8.12
C SER A 77 -33.80 -2.07 -7.05
N THR A 78 -32.82 -2.87 -7.42
CA THR A 78 -31.84 -3.38 -6.45
C THR A 78 -30.42 -3.20 -7.00
N ALA A 79 -29.55 -2.60 -6.18
CA ALA A 79 -28.13 -2.60 -6.44
C ALA A 79 -27.48 -3.68 -5.59
N TYR A 80 -26.37 -4.19 -6.08
CA TYR A 80 -25.63 -5.28 -5.45
C TYR A 80 -24.18 -4.86 -5.28
N MET A 81 -23.60 -5.28 -4.17
CA MET A 81 -22.18 -5.14 -4.02
C MET A 81 -21.59 -6.48 -3.61
N GLU A 82 -20.60 -6.96 -4.38
CA GLU A 82 -19.86 -8.19 -4.12
C GLU A 82 -18.42 -7.86 -3.75
N LEU A 83 -18.01 -8.27 -2.56
CA LEU A 83 -16.65 -8.13 -2.08
C LEU A 83 -16.02 -9.52 -1.99
N SER A 84 -14.96 -9.75 -2.74
CA SER A 84 -14.33 -11.06 -2.80
C SER A 84 -13.01 -11.06 -2.00
N SER A 85 -12.54 -12.28 -1.67
CA SER A 85 -11.38 -12.50 -0.80
C SER A 85 -11.49 -11.67 0.48
N LEU A 86 -12.54 -11.95 1.25
CA LEU A 86 -12.75 -11.20 2.49
C LEU A 86 -11.59 -11.42 3.45
N ARG A 87 -11.20 -10.37 4.17
CA ARG A 87 -10.31 -10.52 5.30
C ARG A 87 -10.84 -9.69 6.45
N SER A 88 -10.21 -9.83 7.62
CA SER A 88 -10.81 -9.27 8.83
C SER A 88 -10.95 -7.74 8.75
N GLU A 89 -10.09 -7.04 7.99
CA GLU A 89 -10.28 -5.61 7.83
C GLU A 89 -11.58 -5.27 7.09
N ASP A 90 -12.20 -6.23 6.41
CA ASP A 90 -13.48 -6.01 5.78
C ASP A 90 -14.65 -6.17 6.73
N ALA A 91 -14.45 -6.60 7.97
CA ALA A 91 -15.55 -6.63 8.92
C ALA A 91 -15.94 -5.18 9.20
N ALA A 92 -17.19 -4.82 8.86
CA ALA A 92 -17.61 -3.43 8.90
C ALA A 92 -19.12 -3.39 8.72
N VAL A 93 -19.69 -2.20 8.90
CA VAL A 93 -21.04 -1.89 8.46
C VAL A 93 -20.96 -1.39 7.02
N TYR A 94 -21.87 -1.88 6.18
CA TYR A 94 -21.93 -1.49 4.78
C TYR A 94 -23.21 -0.72 4.52
N PHE A 95 -23.07 0.51 4.07
CA PHE A 95 -24.17 1.39 3.70
C PHE A 95 -24.31 1.50 2.19
N CYS A 96 -25.54 1.47 1.70
CA CYS A 96 -25.83 2.04 0.39
C CYS A 96 -26.39 3.45 0.56
N ALA A 97 -26.09 4.31 -0.41
CA ALA A 97 -26.57 5.68 -0.40
C ALA A 97 -26.86 6.13 -1.82
N ARG A 98 -27.90 6.96 -1.98
CA ARG A 98 -28.22 7.44 -3.32
C ARG A 98 -27.43 8.69 -3.63
N ASP A 99 -26.90 8.77 -4.85
CA ASP A 99 -26.21 9.98 -5.27
C ASP A 99 -27.22 11.11 -5.52
N GLU A 100 -26.75 12.36 -5.50
CA GLU A 100 -27.63 13.47 -5.87
C GLU A 100 -28.13 13.31 -7.31
N SER A 101 -27.29 12.78 -8.20
CA SER A 101 -27.75 12.41 -9.53
C SER A 101 -27.12 11.11 -9.97
N THR A 102 -26.25 11.11 -10.98
CA THR A 102 -25.67 9.88 -11.48
C THR A 102 -24.16 9.80 -11.21
N GLY A 103 -23.69 10.46 -10.17
CA GLY A 103 -22.30 10.30 -9.81
C GLY A 103 -21.35 11.19 -10.60
N ASP A 104 -21.88 12.12 -11.37
CA ASP A 104 -21.03 12.91 -12.26
C ASP A 104 -21.33 14.41 -12.30
N TYR A 105 -21.93 14.99 -11.24
CA TYR A 105 -22.20 16.42 -11.25
C TYR A 105 -21.86 17.14 -9.94
N TYR A 106 -22.77 17.12 -8.96
CA TYR A 106 -22.52 17.82 -7.70
C TYR A 106 -21.75 16.98 -6.68
N TYR A 107 -21.61 15.67 -6.88
CA TYR A 107 -20.81 14.82 -6.01
C TYR A 107 -21.14 14.78 -4.51
N TYR A 108 -22.41 14.54 -4.19
CA TYR A 108 -22.83 14.36 -2.82
C TYR A 108 -23.91 13.28 -2.82
N MET A 109 -24.16 12.70 -1.65
CA MET A 109 -25.15 11.65 -1.45
C MET A 109 -26.33 12.21 -0.65
N ASP A 110 -27.55 12.05 -1.16
CA ASP A 110 -28.70 12.63 -0.47
C ASP A 110 -29.47 11.68 0.44
N VAL A 111 -29.48 10.38 0.18
CA VAL A 111 -30.23 9.44 1.00
C VAL A 111 -29.34 8.25 1.31
N TRP A 112 -29.36 7.82 2.57
CA TRP A 112 -28.58 6.67 3.03
C TRP A 112 -29.47 5.53 3.47
N GLY A 113 -28.99 4.30 3.28
CA GLY A 113 -29.70 3.15 3.79
C GLY A 113 -29.39 2.97 5.28
N LYS A 114 -30.00 1.95 5.85
CA LYS A 114 -29.78 1.63 7.26
C LYS A 114 -28.44 0.95 7.54
N GLY A 115 -27.79 0.38 6.55
CA GLY A 115 -26.55 -0.31 6.83
C GLY A 115 -26.77 -1.76 7.19
N THR A 116 -25.79 -2.58 6.85
CA THR A 116 -25.80 -3.97 7.23
C THR A 116 -24.40 -4.35 7.68
N THR A 117 -24.31 -5.30 8.57
CA THR A 117 -23.00 -5.69 9.09
C THR A 117 -22.53 -6.95 8.39
N VAL A 118 -21.24 -6.95 8.08
CA VAL A 118 -20.54 -8.13 7.65
C VAL A 118 -19.46 -8.42 8.69
N THR A 119 -19.55 -9.60 9.29
CA THR A 119 -18.55 -10.15 10.19
C THR A 119 -17.64 -11.08 9.40
N VAL A 120 -16.34 -10.88 9.54
CA VAL A 120 -15.35 -11.76 8.92
C VAL A 120 -14.48 -12.35 10.02
N SER A 121 -14.51 -13.66 10.17
CA SER A 121 -13.77 -14.25 11.28
C SER A 121 -13.57 -15.72 10.99
N SER A 122 -12.44 -16.27 11.47
CA SER A 122 -12.20 -17.69 11.37
C SER A 122 -12.88 -18.48 12.49
N ALA A 123 -13.60 -17.81 13.40
CA ALA A 123 -14.30 -18.51 14.46
C ALA A 123 -15.47 -19.35 13.93
N SER A 124 -15.78 -20.42 14.65
CA SER A 124 -16.94 -21.25 14.40
C SER A 124 -18.02 -20.99 15.44
N THR A 125 -19.26 -21.33 15.08
CA THR A 125 -20.39 -21.12 15.97
C THR A 125 -20.11 -21.74 17.30
N LYS A 126 -20.37 -20.97 18.37
CA LYS A 126 -20.16 -21.49 19.70
C LYS A 126 -21.21 -20.91 20.61
N GLY A 127 -21.89 -21.78 21.36
CA GLY A 127 -22.85 -21.31 22.34
C GLY A 127 -22.16 -20.74 23.57
N PRO A 128 -22.83 -19.83 24.25
CA PRO A 128 -22.20 -19.19 25.41
C PRO A 128 -22.33 -20.05 26.67
N SER A 129 -21.43 -19.79 27.60
CA SER A 129 -21.63 -20.18 28.99
C SER A 129 -22.20 -18.98 29.73
N VAL A 130 -23.18 -19.23 30.58
CA VAL A 130 -23.91 -18.17 31.28
C VAL A 130 -23.63 -18.31 32.76
N PHE A 131 -23.13 -17.24 33.37
CA PHE A 131 -22.81 -17.26 34.78
C PHE A 131 -23.55 -16.14 35.50
N PRO A 132 -24.01 -16.39 36.72
CA PRO A 132 -24.66 -15.33 37.50
C PRO A 132 -23.66 -14.35 38.09
N LEU A 133 -24.07 -13.10 38.18
CA LEU A 133 -23.33 -12.09 38.93
C LEU A 133 -24.18 -11.81 40.16
N ALA A 134 -23.85 -12.46 41.28
CA ALA A 134 -24.69 -12.41 42.47
C ALA A 134 -24.68 -11.02 43.10
N PRO A 135 -25.82 -10.58 43.67
CA PRO A 135 -25.86 -9.25 44.28
C PRO A 135 -25.02 -9.17 45.55
N SER A 136 -24.59 -7.93 45.86
CA SER A 136 -23.67 -7.62 46.97
C SER A 136 -22.40 -8.47 46.84
N ALA A 145 -29.34 -2.42 45.16
CA ALA A 145 -28.41 -3.50 44.76
C ALA A 145 -28.38 -3.87 43.23
N ALA A 146 -27.21 -4.26 42.73
CA ALA A 146 -27.03 -4.66 41.32
C ALA A 146 -26.72 -6.14 41.22
N LEU A 147 -27.34 -6.80 40.25
CA LEU A 147 -27.10 -8.20 39.94
C LEU A 147 -27.15 -8.37 38.43
N GLY A 148 -26.66 -9.50 37.93
CA GLY A 148 -26.65 -9.63 36.50
C GLY A 148 -26.25 -11.02 36.02
N CYS A 149 -26.02 -11.09 34.71
CA CYS A 149 -25.64 -12.31 34.02
C CYS A 149 -24.43 -12.01 33.14
N LEU A 150 -23.47 -12.91 33.15
CA LEU A 150 -22.28 -12.85 32.29
C LEU A 150 -22.45 -13.90 31.20
N VAL A 151 -22.46 -13.46 29.95
CA VAL A 151 -22.65 -14.37 28.82
C VAL A 151 -21.30 -14.49 28.12
N LYS A 152 -20.62 -15.61 28.31
CA LYS A 152 -19.21 -15.69 27.97
C LYS A 152 -18.93 -16.62 26.80
N ASP A 153 -18.08 -16.14 25.88
CA ASP A 153 -17.41 -16.95 24.84
C ASP A 153 -18.40 -17.59 23.86
N TYR A 154 -19.04 -16.73 23.09
CA TYR A 154 -19.94 -17.20 22.04
C TYR A 154 -19.52 -16.62 20.70
N PHE A 155 -20.03 -17.23 19.64
CA PHE A 155 -19.84 -16.73 18.30
C PHE A 155 -20.92 -17.35 17.42
N PRO A 156 -21.50 -16.60 16.48
CA PRO A 156 -21.30 -15.16 16.29
C PRO A 156 -22.33 -14.36 17.09
N GLU A 157 -22.33 -13.04 16.90
CA GLU A 157 -23.40 -12.19 17.38
C GLU A 157 -24.72 -12.54 16.69
N PRO A 158 -25.88 -12.31 17.36
CA PRO A 158 -25.99 -11.74 18.71
C PRO A 158 -26.60 -12.71 19.72
N VAL A 159 -26.54 -12.36 21.00
CA VAL A 159 -27.37 -12.99 22.01
C VAL A 159 -28.37 -11.95 22.49
N THR A 160 -29.55 -12.41 22.88
CA THR A 160 -30.49 -11.54 23.54
C THR A 160 -30.67 -12.01 24.98
N VAL A 161 -30.86 -11.04 25.87
CA VAL A 161 -31.02 -11.30 27.29
C VAL A 161 -32.29 -10.59 27.72
N SER A 162 -33.21 -11.35 28.29
CA SER A 162 -34.36 -10.83 29.01
C SER A 162 -34.26 -11.27 30.47
N TRP A 163 -35.09 -10.68 31.32
CA TRP A 163 -35.14 -11.02 32.74
C TRP A 163 -36.55 -11.43 33.10
N ASN A 164 -36.67 -12.54 33.82
CA ASN A 164 -37.97 -13.10 34.22
C ASN A 164 -38.92 -13.17 33.03
N SER A 165 -38.44 -13.77 31.93
CA SER A 165 -39.21 -13.92 30.71
C SER A 165 -39.81 -12.59 30.25
N GLY A 166 -39.05 -11.51 30.39
CA GLY A 166 -39.49 -10.20 29.95
C GLY A 166 -40.33 -9.42 30.96
N ALA A 167 -40.71 -10.02 32.09
CA ALA A 167 -41.52 -9.28 33.06
C ALA A 167 -40.75 -8.12 33.68
N LEU A 168 -39.45 -8.28 33.90
CA LEU A 168 -38.63 -7.25 34.54
C LEU A 168 -37.90 -6.43 33.47
N THR A 169 -38.26 -5.17 33.37
CA THR A 169 -37.68 -4.28 32.37
C THR A 169 -36.99 -3.04 32.92
N SER A 170 -37.53 -2.43 33.96
CA SER A 170 -36.91 -1.23 34.53
C SER A 170 -35.64 -1.57 35.29
N GLY A 171 -34.63 -0.69 35.16
CA GLY A 171 -33.35 -0.92 35.79
C GLY A 171 -32.46 -1.95 35.12
N VAL A 172 -32.87 -2.49 33.97
CA VAL A 172 -32.09 -3.47 33.22
C VAL A 172 -31.22 -2.72 32.23
N HIS A 173 -29.93 -3.03 32.21
CA HIS A 173 -29.03 -2.50 31.18
C HIS A 173 -28.23 -3.67 30.64
N THR A 174 -28.48 -4.03 29.39
CA THR A 174 -27.69 -5.06 28.72
C THR A 174 -26.61 -4.38 27.89
N PHE A 175 -25.34 -4.71 28.17
CA PHE A 175 -24.21 -4.05 27.53
C PHE A 175 -23.97 -4.55 26.11
N PRO A 176 -23.34 -3.73 25.27
CA PRO A 176 -22.84 -4.26 23.99
C PRO A 176 -21.72 -5.25 24.26
N ALA A 177 -21.60 -6.22 23.37
CA ALA A 177 -20.63 -7.29 23.51
C ALA A 177 -19.21 -6.76 23.29
N VAL A 178 -18.25 -7.45 23.87
CA VAL A 178 -16.84 -7.25 23.56
C VAL A 178 -16.41 -8.40 22.66
N LEU A 179 -15.47 -8.11 21.76
CA LEU A 179 -14.85 -9.13 20.92
C LEU A 179 -13.43 -9.35 21.47
N GLN A 180 -13.19 -10.54 22.03
CA GLN A 180 -11.92 -10.82 22.67
C GLN A 180 -10.87 -11.24 21.65
N SER A 181 -9.62 -11.23 22.10
CA SER A 181 -8.51 -11.68 21.26
C SER A 181 -8.71 -13.09 20.74
N SER A 182 -9.43 -13.91 21.48
CA SER A 182 -9.70 -15.29 21.05
C SER A 182 -10.61 -15.35 19.84
N GLY A 183 -11.24 -14.23 19.43
CA GLY A 183 -12.23 -14.28 18.39
C GLY A 183 -13.66 -14.50 18.86
N LEU A 184 -13.87 -14.72 20.16
CA LEU A 184 -15.19 -14.98 20.70
C LEU A 184 -15.73 -13.73 21.41
N TYR A 185 -17.06 -13.63 21.42
CA TYR A 185 -17.73 -12.50 22.04
C TYR A 185 -18.05 -12.80 23.49
N SER A 186 -18.34 -11.74 24.21
CA SER A 186 -18.73 -11.87 25.60
C SER A 186 -19.57 -10.63 25.91
N LEU A 187 -20.66 -10.80 26.67
CA LEU A 187 -21.39 -9.64 27.14
C LEU A 187 -21.99 -9.94 28.51
N SER A 188 -22.57 -8.89 29.10
CA SER A 188 -23.25 -9.01 30.38
C SER A 188 -24.50 -8.14 30.39
N SER A 189 -25.46 -8.58 31.20
CA SER A 189 -26.69 -7.86 31.48
C SER A 189 -26.80 -7.62 32.98
N VAL A 190 -27.25 -6.44 33.36
CA VAL A 190 -27.35 -6.12 34.78
C VAL A 190 -28.70 -5.48 35.09
N VAL A 191 -29.18 -5.70 36.32
CA VAL A 191 -30.39 -5.09 36.83
C VAL A 191 -30.04 -4.45 38.16
N THR A 192 -30.43 -3.19 38.33
CA THR A 192 -30.40 -2.55 39.64
C THR A 192 -31.75 -2.79 40.30
N VAL A 193 -31.75 -3.40 41.47
CA VAL A 193 -33.01 -3.76 42.15
C VAL A 193 -32.97 -3.23 43.59
N PRO A 194 -34.14 -3.14 44.24
CA PRO A 194 -34.16 -2.74 45.65
C PRO A 194 -33.68 -3.87 46.55
N SER A 195 -32.85 -3.49 47.52
CA SER A 195 -32.27 -4.47 48.44
C SER A 195 -33.34 -5.27 49.18
N SER A 196 -34.53 -4.68 49.40
CA SER A 196 -35.63 -5.39 50.06
C SER A 196 -36.01 -6.68 49.35
N SER A 197 -36.13 -6.62 48.00
CA SER A 197 -36.58 -7.71 47.16
C SER A 197 -35.70 -8.97 47.24
N LEU A 198 -34.40 -8.80 47.52
CA LEU A 198 -33.52 -9.96 47.52
C LEU A 198 -34.05 -11.02 48.48
N GLY A 199 -33.85 -12.28 48.13
CA GLY A 199 -34.32 -13.37 48.97
C GLY A 199 -35.81 -13.56 49.00
N THR A 200 -36.61 -12.71 48.34
CA THR A 200 -38.05 -12.96 48.18
C THR A 200 -38.46 -12.90 46.70
N GLN A 201 -38.00 -11.89 45.97
CA GLN A 201 -38.17 -11.80 44.52
C GLN A 201 -37.18 -12.74 43.83
N THR A 202 -37.68 -13.52 42.87
CA THR A 202 -36.84 -14.37 42.04
C THR A 202 -36.38 -13.64 40.77
N TYR A 203 -35.06 -13.69 40.52
CA TYR A 203 -34.45 -13.06 39.35
C TYR A 203 -33.82 -14.14 38.49
N ILE A 204 -34.33 -14.25 37.26
CA ILE A 204 -33.84 -15.22 36.29
C ILE A 204 -33.53 -14.48 35.01
N CYS A 205 -32.30 -14.58 34.54
CA CYS A 205 -31.97 -14.06 33.21
C CYS A 205 -32.14 -15.17 32.18
N ASN A 206 -32.69 -14.81 31.02
CA ASN A 206 -33.00 -15.75 29.93
C ASN A 206 -32.07 -15.41 28.77
N VAL A 207 -31.13 -16.30 28.47
CA VAL A 207 -30.16 -16.06 27.42
C VAL A 207 -30.52 -16.93 26.22
N ASN A 208 -30.60 -16.28 25.07
CA ASN A 208 -30.87 -16.99 23.82
C ASN A 208 -29.76 -16.68 22.81
N HIS A 209 -29.15 -17.73 22.29
CA HIS A 209 -28.15 -17.60 21.24
C HIS A 209 -28.65 -18.45 20.08
N LYS A 210 -29.37 -17.82 19.15
CA LYS A 210 -30.01 -18.58 18.09
C LYS A 210 -29.04 -19.32 17.18
N PRO A 211 -27.85 -18.79 16.82
CA PRO A 211 -26.98 -19.56 15.94
C PRO A 211 -26.58 -20.89 16.52
N SER A 212 -26.47 -21.02 17.83
CA SER A 212 -26.17 -22.32 18.41
C SER A 212 -27.37 -23.02 19.00
N ASN A 213 -28.56 -22.44 18.87
CA ASN A 213 -29.76 -22.96 19.53
C ASN A 213 -29.52 -23.19 21.02
N THR A 214 -28.90 -22.20 21.67
CA THR A 214 -28.68 -22.23 23.11
C THR A 214 -29.72 -21.33 23.79
N LYS A 215 -30.51 -21.92 24.70
CA LYS A 215 -31.39 -21.23 25.64
C LYS A 215 -31.03 -21.68 27.04
N VAL A 216 -30.77 -20.69 27.86
CA VAL A 216 -30.32 -20.87 29.23
C VAL A 216 -31.14 -19.90 30.07
N ASP A 217 -31.70 -20.41 31.15
CA ASP A 217 -32.32 -19.60 32.19
C ASP A 217 -31.49 -19.80 33.45
N LYS A 218 -30.97 -18.71 34.00
CA LYS A 218 -30.08 -18.71 35.16
C LYS A 218 -30.72 -17.93 36.28
N LYS A 219 -30.89 -18.54 37.44
CA LYS A 219 -31.40 -17.78 38.55
C LYS A 219 -30.24 -17.17 39.31
N VAL A 220 -30.37 -15.89 39.62
CA VAL A 220 -29.29 -15.11 40.19
C VAL A 220 -29.64 -14.92 41.67
N GLU A 221 -28.91 -15.60 42.56
CA GLU A 221 -29.20 -15.60 43.98
C GLU A 221 -28.14 -14.85 44.76
N PRO A 222 -28.48 -14.30 45.93
CA PRO A 222 -27.56 -13.54 46.81
C PRO A 222 -26.40 -14.34 47.39
N SER B 1 -4.03 8.47 -2.08
CA SER B 1 -5.04 9.28 -2.74
C SER B 1 -5.24 10.62 -2.04
N TYR B 2 -6.25 11.35 -2.52
CA TYR B 2 -6.66 12.62 -1.93
C TYR B 2 -7.11 12.42 -0.48
N GLU B 3 -6.70 13.34 0.39
CA GLU B 3 -7.06 13.27 1.79
C GLU B 3 -7.76 14.54 2.27
N LEU B 4 -8.80 14.36 3.08
CA LEU B 4 -9.56 15.44 3.70
C LEU B 4 -9.39 15.33 5.20
N THR B 5 -8.73 16.30 5.80
CA THR B 5 -8.30 16.18 7.18
C THR B 5 -9.19 17.01 8.09
N GLN B 6 -9.73 16.36 9.12
CA GLN B 6 -10.58 16.99 10.12
C GLN B 6 -9.99 16.86 11.52
N PRO B 7 -10.21 17.86 12.38
CA PRO B 7 -9.90 17.70 13.80
C PRO B 7 -10.65 16.54 14.40
N PRO B 8 -10.01 15.74 15.24
CA PRO B 8 -10.69 14.54 15.74
C PRO B 8 -11.83 14.86 16.70
N SER B 9 -11.75 15.95 17.47
CA SER B 9 -12.74 16.19 18.51
C SER B 9 -13.09 17.68 18.66
N VAL B 10 -14.33 17.92 19.05
CA VAL B 10 -14.81 19.25 19.41
C VAL B 10 -15.75 19.05 20.59
N SER B 11 -15.52 19.78 21.66
CA SER B 11 -16.36 19.71 22.85
C SER B 11 -16.98 21.07 23.07
N VAL B 12 -18.27 21.09 23.41
CA VAL B 12 -19.03 22.33 23.37
C VAL B 12 -20.16 22.22 24.37
N SER B 13 -20.56 23.38 24.95
CA SER B 13 -21.74 23.38 25.81
C SER B 13 -22.94 23.92 25.06
N PRO B 14 -24.16 23.50 25.40
CA PRO B 14 -25.32 23.88 24.59
C PRO B 14 -25.46 25.39 24.51
N GLY B 15 -25.60 25.90 23.30
CA GLY B 15 -25.65 27.30 23.07
C GLY B 15 -24.37 27.84 22.49
N GLN B 16 -23.24 27.22 22.79
CA GLN B 16 -22.02 27.66 22.16
C GLN B 16 -22.04 27.30 20.67
N THR B 17 -21.10 27.88 19.93
CA THR B 17 -20.99 27.63 18.50
C THR B 17 -19.86 26.64 18.28
N ALA B 18 -20.15 25.56 17.56
CA ALA B 18 -19.15 24.56 17.17
C ALA B 18 -18.68 24.84 15.76
N SER B 19 -17.36 24.78 15.56
CA SER B 19 -16.75 24.90 14.24
C SER B 19 -15.93 23.65 13.93
N ILE B 20 -16.32 22.94 12.88
CA ILE B 20 -15.63 21.75 12.40
C ILE B 20 -14.99 22.12 11.07
N THR B 21 -13.68 21.92 10.96
CA THR B 21 -12.96 22.26 9.74
C THR B 21 -12.55 21.00 9.00
N CYS B 22 -12.22 21.18 7.73
CA CYS B 22 -11.82 20.09 6.85
C CYS B 22 -10.89 20.67 5.81
N SER B 23 -9.67 20.18 5.76
CA SER B 23 -8.65 20.75 4.89
C SER B 23 -8.36 19.77 3.79
N GLY B 24 -8.19 20.29 2.58
CA GLY B 24 -7.79 19.47 1.45
C GLY B 24 -7.16 20.31 0.36
N ASP B 25 -6.32 19.68 -0.44
CA ASP B 25 -5.65 20.38 -1.51
C ASP B 25 -6.67 20.80 -2.57
N ARG B 26 -6.58 22.07 -3.01
CA ARG B 26 -7.49 22.62 -4.01
C ARG B 26 -8.96 22.48 -3.60
N LEU B 27 -9.21 22.41 -2.29
CA LEU B 27 -10.58 22.29 -1.81
C LEU B 27 -11.43 23.44 -2.30
N ASP B 28 -10.80 24.58 -2.58
CA ASP B 28 -11.50 25.75 -3.06
C ASP B 28 -12.18 25.51 -4.40
N ASP B 29 -11.65 24.60 -5.22
CA ASP B 29 -12.24 24.30 -6.52
C ASP B 29 -13.23 23.16 -6.44
N LYS B 30 -13.55 22.69 -5.24
CA LYS B 30 -14.43 21.56 -5.08
C LYS B 30 -15.66 21.95 -4.28
N TYR B 31 -16.73 21.17 -4.47
CA TYR B 31 -17.91 21.30 -3.65
C TYR B 31 -17.78 20.40 -2.42
N ALA B 32 -17.98 20.98 -1.25
CA ALA B 32 -17.89 20.24 0.00
C ALA B 32 -19.31 19.94 0.49
N SER B 33 -19.48 18.77 1.07
CA SER B 33 -20.73 18.40 1.70
C SER B 33 -20.43 17.89 3.10
N TRP B 34 -21.45 17.86 3.94
CA TRP B 34 -21.24 17.45 5.32
C TRP B 34 -22.32 16.47 5.74
N TYR B 35 -21.92 15.41 6.44
CA TYR B 35 -22.86 14.41 6.92
C TYR B 35 -22.78 14.32 8.44
N GLN B 36 -23.94 14.23 9.06
CA GLN B 36 -24.04 14.05 10.50
C GLN B 36 -24.35 12.59 10.77
N GLN B 37 -23.62 11.98 11.71
CA GLN B 37 -23.88 10.60 12.06
C GLN B 37 -23.99 10.49 13.57
N LYS B 38 -25.21 10.29 14.06
CA LYS B 38 -25.46 10.06 15.46
C LYS B 38 -25.18 8.61 15.81
N ALA B 39 -24.90 8.38 17.09
CA ALA B 39 -24.50 7.08 17.59
C ALA B 39 -25.48 6.00 17.13
N GLY B 40 -24.95 5.00 16.44
CA GLY B 40 -25.76 3.90 15.95
C GLY B 40 -26.76 4.23 14.86
N GLN B 41 -26.53 5.29 14.08
CA GLN B 41 -27.47 5.63 13.04
C GLN B 41 -26.73 5.78 11.72
N SER B 42 -27.51 5.85 10.65
CA SER B 42 -26.95 6.12 9.34
C SER B 42 -26.56 7.59 9.23
N PRO B 43 -25.61 7.92 8.38
CA PRO B 43 -25.28 9.33 8.11
C PRO B 43 -26.50 10.06 7.56
N VAL B 44 -26.53 11.37 7.78
CA VAL B 44 -27.56 12.26 7.25
C VAL B 44 -26.86 13.45 6.62
N LEU B 45 -27.24 13.76 5.37
CA LEU B 45 -26.70 14.93 4.70
C LEU B 45 -27.19 16.22 5.38
N VAL B 46 -26.28 17.10 5.78
CA VAL B 46 -26.70 18.35 6.41
C VAL B 46 -26.28 19.55 5.55
N ILE B 47 -25.21 19.42 4.78
CA ILE B 47 -24.74 20.51 3.91
C ILE B 47 -24.25 19.91 2.59
N TYR B 48 -24.60 20.56 1.48
CA TYR B 48 -24.11 20.16 0.19
C TYR B 48 -23.80 21.41 -0.62
N GLN B 49 -22.95 21.25 -1.64
CA GLN B 49 -22.51 22.34 -2.49
C GLN B 49 -21.97 23.50 -1.65
N ASP B 50 -21.14 23.16 -0.67
CA ASP B 50 -20.47 24.07 0.27
C ASP B 50 -21.39 24.66 1.35
N ASN B 51 -22.51 25.28 0.97
CA ASN B 51 -23.31 25.99 1.95
C ASN B 51 -24.82 25.75 1.86
N LYS B 52 -25.30 24.84 1.02
CA LYS B 52 -26.73 24.62 0.91
C LYS B 52 -27.21 23.63 1.95
N ARG B 53 -28.45 23.79 2.35
CA ARG B 53 -29.02 22.99 3.39
C ARG B 53 -30.18 22.22 2.81
N PRO B 54 -30.27 20.92 3.05
CA PRO B 54 -31.44 20.18 2.55
C PRO B 54 -32.66 20.54 3.39
N SER B 55 -33.83 20.26 2.84
CA SER B 55 -35.05 20.52 3.58
C SER B 55 -35.10 19.63 4.82
N GLY B 56 -35.59 20.18 5.92
CA GLY B 56 -35.64 19.44 7.16
C GLY B 56 -34.40 19.51 8.02
N ILE B 57 -33.29 20.00 7.49
CA ILE B 57 -32.07 20.13 8.28
C ILE B 57 -32.13 21.46 9.04
N PRO B 58 -31.89 21.46 10.36
CA PRO B 58 -31.95 22.70 11.14
C PRO B 58 -31.08 23.81 10.55
N GLU B 59 -31.60 25.05 10.62
CA GLU B 59 -30.92 26.18 9.98
C GLU B 59 -29.69 26.63 10.75
N ARG B 60 -29.46 26.10 11.96
CA ARG B 60 -28.24 26.38 12.70
C ARG B 60 -27.03 25.67 12.13
N PHE B 61 -27.21 24.76 11.14
CA PHE B 61 -26.08 24.19 10.39
C PHE B 61 -25.81 25.10 9.19
N SER B 62 -24.57 25.53 9.05
CA SER B 62 -24.19 26.35 7.92
C SER B 62 -22.79 25.95 7.50
N GLY B 63 -22.47 26.19 6.23
CA GLY B 63 -21.20 25.77 5.68
C GLY B 63 -20.53 26.85 4.88
N SER B 64 -19.21 26.75 4.79
CA SER B 64 -18.42 27.67 3.99
C SER B 64 -17.22 26.91 3.44
N ASN B 65 -16.70 27.41 2.34
CA ASN B 65 -15.53 26.79 1.72
C ASN B 65 -14.64 27.92 1.22
N SER B 66 -13.50 28.11 1.85
CA SER B 66 -12.68 29.23 1.47
C SER B 66 -11.25 28.90 1.89
N GLY B 67 -10.29 29.29 1.06
CA GLY B 67 -8.89 29.00 1.36
C GLY B 67 -8.55 27.55 1.59
N ASN B 68 -9.12 26.65 0.76
CA ASN B 68 -8.90 25.20 0.84
C ASN B 68 -9.32 24.63 2.19
N THR B 69 -10.30 25.26 2.83
CA THR B 69 -10.84 24.76 4.09
C THR B 69 -12.35 24.86 4.02
N ALA B 70 -13.02 23.73 4.16
CA ALA B 70 -14.45 23.73 4.35
C ALA B 70 -14.70 23.81 5.84
N THR B 71 -15.76 24.52 6.22
CA THR B 71 -16.09 24.69 7.62
C THR B 71 -17.58 24.48 7.81
N LEU B 72 -17.91 23.58 8.71
CA LEU B 72 -19.28 23.36 9.16
C LEU B 72 -19.47 24.11 10.49
N THR B 73 -20.42 25.05 10.52
CA THR B 73 -20.69 25.83 11.73
C THR B 73 -22.04 25.43 12.29
N ILE B 74 -22.08 25.02 13.55
CA ILE B 74 -23.33 24.78 14.25
C ILE B 74 -23.49 25.92 15.25
N SER B 75 -24.42 26.83 14.96
CA SER B 75 -24.70 27.96 15.84
C SER B 75 -25.70 27.55 16.91
N GLY B 76 -25.45 27.96 18.14
CA GLY B 76 -26.34 27.60 19.24
C GLY B 76 -26.54 26.11 19.36
N THR B 77 -25.44 25.38 19.52
CA THR B 77 -25.49 23.92 19.51
C THR B 77 -26.47 23.40 20.55
N GLN B 78 -27.18 22.34 20.21
CA GLN B 78 -28.09 21.68 21.12
C GLN B 78 -27.54 20.30 21.48
N ALA B 79 -28.10 19.74 22.56
CA ALA B 79 -27.71 18.40 22.97
C ALA B 79 -27.90 17.38 21.84
N MET B 80 -28.98 17.52 21.07
CA MET B 80 -29.27 16.55 20.02
C MET B 80 -28.31 16.66 18.82
N ASP B 81 -27.44 17.67 18.80
CA ASP B 81 -26.45 17.84 17.75
C ASP B 81 -25.17 17.05 17.99
N GLU B 82 -25.07 16.40 19.14
CA GLU B 82 -23.99 15.46 19.42
C GLU B 82 -23.96 14.37 18.36
N ALA B 83 -22.81 14.23 17.68
CA ALA B 83 -22.72 13.27 16.58
C ALA B 83 -21.28 13.29 16.08
N ASP B 84 -20.97 12.35 15.19
CA ASP B 84 -19.79 12.43 14.34
C ASP B 84 -20.16 13.18 13.06
N TYR B 85 -19.26 14.08 12.63
CA TYR B 85 -19.50 14.88 11.44
C TYR B 85 -18.41 14.61 10.42
N TYR B 86 -18.83 14.28 9.19
CA TYR B 86 -17.91 13.94 8.11
C TYR B 86 -17.99 14.94 6.98
N CYS B 87 -16.83 15.37 6.54
CA CYS B 87 -16.65 16.20 5.37
C CYS B 87 -16.52 15.26 4.16
N GLN B 88 -16.98 15.72 2.99
CA GLN B 88 -16.91 14.90 1.80
C GLN B 88 -16.69 15.78 0.58
N ALA B 89 -15.90 15.29 -0.36
CA ALA B 89 -15.62 16.01 -1.60
C ALA B 89 -15.26 14.96 -2.66
N TRP B 90 -14.80 15.42 -3.80
CA TRP B 90 -14.55 14.58 -4.95
C TRP B 90 -13.21 14.92 -5.55
N ASP B 91 -12.48 13.90 -5.97
CA ASP B 91 -11.21 14.13 -6.65
C ASP B 91 -10.88 12.92 -7.52
N SER B 92 -10.57 13.16 -8.79
CA SER B 92 -10.15 12.10 -9.71
C SER B 92 -11.05 10.87 -9.64
N ASP B 93 -12.33 11.10 -9.92
CA ASP B 93 -13.32 10.03 -10.04
C ASP B 93 -13.44 9.24 -8.74
N THR B 94 -13.31 9.94 -7.61
CA THR B 94 -13.27 9.32 -6.29
C THR B 94 -14.06 10.23 -5.35
N TYR B 95 -15.05 9.66 -4.70
CA TYR B 95 -15.70 10.36 -3.60
C TYR B 95 -14.86 10.10 -2.37
N VAL B 96 -14.53 11.15 -1.62
CA VAL B 96 -13.65 11.04 -0.45
C VAL B 96 -14.34 11.61 0.79
N PHE B 97 -14.43 10.81 1.84
CA PHE B 97 -14.88 11.32 3.13
C PHE B 97 -13.70 11.77 3.97
N GLY B 98 -13.90 12.82 4.76
CA GLY B 98 -12.89 13.30 5.66
C GLY B 98 -12.70 12.37 6.84
N THR B 99 -11.67 12.66 7.63
CA THR B 99 -11.32 11.79 8.75
C THR B 99 -12.38 11.77 9.86
N GLY B 100 -13.24 12.78 9.96
CA GLY B 100 -14.34 12.70 10.91
C GLY B 100 -14.06 13.43 12.21
N THR B 101 -15.09 14.08 12.75
CA THR B 101 -14.96 14.86 13.97
C THR B 101 -16.06 14.44 14.93
N LYS B 102 -15.66 14.04 16.13
CA LYS B 102 -16.61 13.73 17.19
C LYS B 102 -16.98 15.04 17.89
N VAL B 103 -18.26 15.39 17.89
CA VAL B 103 -18.74 16.62 18.49
C VAL B 103 -19.51 16.24 19.75
N THR B 104 -18.96 16.61 20.90
CA THR B 104 -19.57 16.37 22.19
C THR B 104 -20.26 17.63 22.66
N VAL B 105 -21.51 17.49 23.07
CA VAL B 105 -22.27 18.58 23.67
C VAL B 105 -22.51 18.24 25.14
N LEU B 106 -21.96 19.04 26.05
CA LEU B 106 -22.10 18.77 27.49
C LEU B 106 -23.50 19.19 27.96
N GLY B 107 -24.46 18.27 27.77
CA GLY B 107 -25.86 18.57 28.03
C GLY B 107 -26.34 18.42 29.46
N GLN B 108 -25.69 17.58 30.25
CA GLN B 108 -26.01 17.32 31.63
C GLN B 108 -24.89 17.83 32.51
N PRO B 109 -25.10 17.90 33.83
CA PRO B 109 -23.98 18.21 34.73
C PRO B 109 -23.06 17.00 34.92
N LYS B 110 -21.81 17.29 35.27
CA LYS B 110 -20.82 16.24 35.46
C LYS B 110 -21.32 15.28 36.54
N ALA B 111 -21.23 13.98 36.28
CA ALA B 111 -21.65 12.97 37.24
C ALA B 111 -20.56 11.93 37.32
N ALA B 112 -20.11 11.63 38.55
CA ALA B 112 -19.04 10.65 38.70
C ALA B 112 -19.59 9.24 38.60
N PRO B 113 -18.79 8.29 38.14
CA PRO B 113 -19.29 6.93 37.95
C PRO B 113 -19.49 6.20 39.28
N SER B 114 -20.54 5.38 39.30
CA SER B 114 -20.68 4.32 40.29
C SER B 114 -20.02 3.07 39.73
N VAL B 115 -19.20 2.41 40.57
CA VAL B 115 -18.43 1.24 40.18
C VAL B 115 -18.87 0.06 41.03
N THR B 116 -19.19 -1.06 40.38
CA THR B 116 -19.57 -2.29 41.05
C THR B 116 -18.73 -3.41 40.48
N LEU B 117 -17.99 -4.11 41.34
CA LEU B 117 -17.01 -5.11 40.92
C LEU B 117 -17.47 -6.51 41.35
N PHE B 118 -17.78 -7.37 40.41
CA PHE B 118 -18.19 -8.74 40.73
C PHE B 118 -17.02 -9.69 40.64
N PRO B 119 -16.78 -10.48 41.69
CA PRO B 119 -15.78 -11.56 41.60
C PRO B 119 -16.29 -12.73 40.77
N PRO B 120 -15.44 -13.70 40.44
CA PRO B 120 -15.93 -14.86 39.70
C PRO B 120 -16.94 -15.62 40.53
N SER B 121 -18.03 -16.02 39.88
CA SER B 121 -19.01 -16.86 40.55
C SER B 121 -18.40 -18.20 40.88
N SER B 122 -18.92 -18.86 41.92
CA SER B 122 -18.46 -20.21 42.20
C SER B 122 -18.78 -21.13 41.05
N GLU B 123 -19.86 -20.85 40.32
CA GLU B 123 -20.18 -21.69 39.17
C GLU B 123 -19.12 -21.55 38.07
N GLU B 124 -18.63 -20.33 37.83
CA GLU B 124 -17.55 -20.15 36.87
C GLU B 124 -16.29 -20.85 37.36
N LEU B 125 -15.97 -20.71 38.66
CA LEU B 125 -14.76 -21.34 39.19
C LEU B 125 -14.84 -22.86 39.12
N GLN B 126 -16.04 -23.43 39.23
CA GLN B 126 -16.19 -24.86 39.06
C GLN B 126 -16.08 -25.30 37.61
N ALA B 127 -16.26 -24.41 36.65
CA ALA B 127 -15.97 -24.72 35.26
C ALA B 127 -14.54 -24.38 34.90
N ASN B 128 -13.67 -24.19 35.89
CA ASN B 128 -12.25 -23.89 35.70
C ASN B 128 -12.01 -22.57 34.96
N LYS B 129 -12.84 -21.57 35.25
CA LYS B 129 -12.68 -20.26 34.63
C LYS B 129 -12.87 -19.20 35.72
N ALA B 130 -12.54 -17.96 35.38
CA ALA B 130 -12.64 -16.86 36.33
C ALA B 130 -12.65 -15.56 35.54
N THR B 131 -13.73 -14.77 35.69
CA THR B 131 -13.84 -13.46 35.07
C THR B 131 -14.28 -12.48 36.13
N LEU B 132 -13.52 -11.40 36.30
CA LEU B 132 -13.98 -10.26 37.06
C LEU B 132 -14.76 -9.32 36.16
N VAL B 133 -15.90 -8.85 36.65
CA VAL B 133 -16.76 -7.96 35.89
C VAL B 133 -16.90 -6.67 36.66
N CYS B 134 -16.57 -5.57 36.00
CA CYS B 134 -16.62 -4.25 36.57
C CYS B 134 -17.67 -3.45 35.81
N LEU B 135 -18.76 -3.09 36.49
CA LEU B 135 -19.80 -2.28 35.88
C LEU B 135 -19.64 -0.86 36.36
N ILE B 136 -19.69 0.07 35.41
CA ILE B 136 -19.48 1.50 35.61
C ILE B 136 -20.77 2.16 35.15
N SER B 137 -21.46 2.85 36.04
CA SER B 137 -22.79 3.30 35.72
C SER B 137 -22.96 4.75 36.15
N ASP B 138 -23.93 5.43 35.51
CA ASP B 138 -24.44 6.73 35.94
C ASP B 138 -23.39 7.81 35.90
N PHE B 139 -22.58 7.84 34.85
CA PHE B 139 -21.60 8.90 34.73
C PHE B 139 -21.91 9.77 33.52
N TYR B 140 -21.38 11.00 33.57
CA TYR B 140 -21.52 11.99 32.53
C TYR B 140 -20.41 13.02 32.68
N PRO B 141 -19.68 13.38 31.60
CA PRO B 141 -19.81 12.94 30.21
C PRO B 141 -19.48 11.47 30.01
N GLY B 142 -19.71 10.98 28.80
CA GLY B 142 -19.63 9.58 28.42
C GLY B 142 -18.25 9.00 28.25
N ALA B 143 -17.17 9.70 28.61
CA ALA B 143 -15.80 9.23 28.44
C ALA B 143 -15.22 8.71 29.76
N VAL B 144 -14.57 7.54 29.72
CA VAL B 144 -13.99 6.99 30.93
C VAL B 144 -12.85 6.07 30.56
N THR B 145 -11.89 5.90 31.46
CA THR B 145 -10.78 4.97 31.25
C THR B 145 -10.69 3.99 32.41
N VAL B 146 -10.42 2.73 32.09
CA VAL B 146 -10.43 1.67 33.08
C VAL B 146 -9.03 1.10 33.17
N ALA B 147 -8.56 0.90 34.38
CA ALA B 147 -7.27 0.28 34.64
C ALA B 147 -7.47 -0.82 35.69
N TRP B 148 -6.82 -1.94 35.50
CA TRP B 148 -6.94 -3.02 36.45
C TRP B 148 -5.61 -3.19 37.17
N LYS B 149 -5.69 -3.59 38.44
CA LYS B 149 -4.52 -3.86 39.26
C LYS B 149 -4.68 -5.23 39.89
N ALA B 150 -3.58 -5.97 39.93
CA ALA B 150 -3.50 -7.24 40.64
C ALA B 150 -2.51 -6.89 41.73
N ASP B 151 -2.99 -6.93 42.98
CA ASP B 151 -2.21 -6.40 44.11
C ASP B 151 -2.04 -4.95 43.67
N SER B 152 -0.81 -4.43 43.57
CA SER B 152 -0.60 -3.06 43.09
C SER B 152 -0.06 -2.96 41.66
N SER B 153 0.16 -4.08 40.96
CA SER B 153 0.73 -3.90 39.63
C SER B 153 -0.31 -3.78 38.52
N PRO B 154 -0.05 -2.96 37.51
CA PRO B 154 -1.01 -2.80 36.41
C PRO B 154 -1.21 -4.09 35.63
N VAL B 155 -2.45 -4.38 35.30
CA VAL B 155 -2.77 -5.58 34.55
C VAL B 155 -2.81 -5.20 33.07
N LYS B 156 -1.99 -5.88 32.25
CA LYS B 156 -1.91 -5.61 30.82
C LYS B 156 -2.40 -6.78 29.97
N ALA B 157 -2.99 -7.79 30.58
CA ALA B 157 -3.45 -8.95 29.84
C ALA B 157 -4.82 -9.36 30.34
N GLY B 158 -5.67 -9.83 29.41
CA GLY B 158 -6.99 -10.33 29.71
C GLY B 158 -8.09 -9.33 29.91
N VAL B 159 -7.86 -8.05 29.56
CA VAL B 159 -8.84 -6.97 29.76
C VAL B 159 -9.59 -6.66 28.48
N GLU B 160 -10.92 -6.57 28.58
CA GLU B 160 -11.78 -6.00 27.54
C GLU B 160 -12.79 -5.05 28.18
N THR B 161 -13.03 -3.93 27.53
CA THR B 161 -13.83 -2.86 28.07
C THR B 161 -14.74 -2.36 26.96
N THR B 162 -16.04 -2.25 27.24
CA THR B 162 -16.97 -1.77 26.22
C THR B 162 -16.90 -0.25 26.08
N THR B 163 -17.30 0.22 24.92
CA THR B 163 -17.51 1.64 24.72
C THR B 163 -18.77 2.07 25.50
N PRO B 164 -18.74 3.22 26.18
CA PRO B 164 -19.88 3.63 26.99
C PRO B 164 -21.15 3.76 26.15
N SER B 165 -22.28 3.50 26.81
CA SER B 165 -23.57 3.54 26.15
C SER B 165 -24.59 4.18 27.10
N LYS B 166 -25.58 4.90 26.53
CA LYS B 166 -26.55 5.58 27.37
C LYS B 166 -27.44 4.59 28.10
N GLN B 167 -27.68 4.87 29.37
CA GLN B 167 -28.75 4.23 30.12
C GLN B 167 -30.07 4.91 29.78
N SER B 168 -31.14 4.49 30.44
CA SER B 168 -32.46 5.05 30.16
C SER B 168 -32.67 6.40 30.84
N ASN B 169 -31.70 6.88 31.62
CA ASN B 169 -31.74 8.22 32.17
C ASN B 169 -30.75 9.17 31.49
N ASN B 170 -30.26 8.79 30.31
CA ASN B 170 -29.32 9.60 29.53
C ASN B 170 -27.96 9.79 30.19
N LYS B 171 -27.67 9.05 31.27
CA LYS B 171 -26.30 8.90 31.70
C LYS B 171 -25.64 7.71 31.01
N TYR B 172 -24.35 7.54 31.22
CA TYR B 172 -23.63 6.51 30.51
C TYR B 172 -23.27 5.36 31.44
N ALA B 173 -23.22 4.17 30.87
CA ALA B 173 -22.73 2.99 31.57
C ALA B 173 -21.62 2.36 30.74
N ALA B 174 -20.74 1.64 31.41
CA ALA B 174 -19.65 0.98 30.72
C ALA B 174 -19.36 -0.31 31.47
N SER B 175 -18.60 -1.16 30.81
CA SER B 175 -18.39 -2.51 31.30
C SER B 175 -16.95 -2.90 31.04
N SER B 176 -16.34 -3.65 31.96
CA SER B 176 -14.98 -4.11 31.77
C SER B 176 -14.80 -5.49 32.39
N TYR B 177 -14.07 -6.33 31.67
CA TYR B 177 -13.88 -7.71 32.09
C TYR B 177 -12.39 -7.97 32.17
N LEU B 178 -12.00 -8.69 33.22
CA LEU B 178 -10.66 -9.21 33.37
C LEU B 178 -10.82 -10.73 33.42
N SER B 179 -10.33 -11.41 32.38
CA SER B 179 -10.41 -12.86 32.28
C SER B 179 -9.16 -13.47 32.90
N LEU B 180 -9.34 -14.38 33.85
CA LEU B 180 -8.21 -14.96 34.57
C LEU B 180 -8.37 -16.47 34.62
N THR B 181 -7.29 -17.12 34.97
CA THR B 181 -7.44 -18.49 35.44
C THR B 181 -7.82 -18.48 36.93
N PRO B 182 -8.50 -19.51 37.39
CA PRO B 182 -8.80 -19.58 38.82
C PRO B 182 -7.55 -19.54 39.69
N GLU B 183 -6.47 -20.21 39.28
CA GLU B 183 -5.24 -20.17 40.04
C GLU B 183 -4.68 -18.76 40.10
N GLN B 184 -4.74 -18.03 38.99
CA GLN B 184 -4.27 -16.65 39.02
C GLN B 184 -5.14 -15.80 39.93
N TRP B 185 -6.45 -16.00 39.88
CA TRP B 185 -7.35 -15.27 40.76
C TRP B 185 -7.07 -15.59 42.22
N LYS B 186 -6.91 -16.88 42.53
CA LYS B 186 -6.81 -17.28 43.92
C LYS B 186 -5.44 -17.00 44.53
N SER B 187 -4.44 -16.66 43.72
CA SER B 187 -3.09 -16.51 44.22
C SER B 187 -2.66 -15.06 44.39
N HIS B 188 -3.60 -14.12 44.33
CA HIS B 188 -3.29 -12.71 44.55
C HIS B 188 -4.05 -12.24 45.76
N LYS B 189 -3.55 -11.18 46.39
CA LYS B 189 -4.27 -10.71 47.57
C LYS B 189 -5.55 -10.00 47.15
N SER B 190 -5.49 -9.20 46.10
CA SER B 190 -6.64 -8.41 45.71
C SER B 190 -6.54 -8.03 44.23
N TYR B 191 -7.70 -7.79 43.63
CA TYR B 191 -7.80 -7.15 42.33
C TYR B 191 -8.64 -5.90 42.43
N SER B 192 -8.25 -4.87 41.67
CA SER B 192 -8.97 -3.61 41.67
C SER B 192 -9.29 -3.19 40.25
N CYS B 193 -10.46 -2.56 40.11
CA CYS B 193 -10.91 -1.90 38.89
C CYS B 193 -10.89 -0.40 39.19
N GLN B 194 -10.08 0.35 38.44
CA GLN B 194 -9.85 1.78 38.66
C GLN B 194 -10.42 2.55 37.47
N VAL B 195 -11.39 3.40 37.75
CA VAL B 195 -12.13 4.11 36.72
C VAL B 195 -11.81 5.61 36.84
N THR B 196 -11.22 6.17 35.79
CA THR B 196 -10.84 7.58 35.76
C THR B 196 -11.83 8.33 34.88
N HIS B 197 -12.50 9.31 35.48
CA HIS B 197 -13.53 10.10 34.81
C HIS B 197 -13.26 11.56 35.12
N GLU B 198 -12.87 12.34 34.12
CA GLU B 198 -12.58 13.76 34.28
C GLU B 198 -11.52 13.99 35.37
N GLY B 199 -10.40 13.28 35.26
CA GLY B 199 -9.28 13.46 36.15
C GLY B 199 -9.46 12.91 37.56
N SER B 200 -10.65 12.38 37.90
CA SER B 200 -10.90 11.79 39.22
C SER B 200 -11.11 10.29 39.10
N THR B 201 -10.39 9.53 39.91
CA THR B 201 -10.37 8.07 39.83
C THR B 201 -11.19 7.47 40.96
N VAL B 202 -12.12 6.60 40.58
CA VAL B 202 -12.93 5.77 41.47
C VAL B 202 -12.37 4.36 41.41
N GLU B 203 -12.35 3.68 42.56
CA GLU B 203 -11.75 2.36 42.62
C GLU B 203 -12.64 1.39 43.40
N LYS B 204 -12.70 0.15 42.96
CA LYS B 204 -13.31 -0.91 43.75
C LYS B 204 -12.35 -2.10 43.78
N THR B 205 -12.42 -2.86 44.86
CA THR B 205 -11.47 -3.94 45.10
C THR B 205 -12.21 -5.17 45.62
N VAL B 206 -11.78 -6.34 45.13
CA VAL B 206 -12.31 -7.62 45.56
C VAL B 206 -11.12 -8.54 45.85
N ALA B 207 -11.39 -9.61 46.59
CA ALA B 207 -10.33 -10.49 47.05
C ALA B 207 -10.85 -11.92 47.02
N PRO B 208 -9.96 -12.89 46.81
CA PRO B 208 -10.39 -14.29 46.91
C PRO B 208 -10.86 -14.70 48.29
N THR B 209 -10.45 -13.97 49.35
CA THR B 209 -10.78 -14.32 50.74
C THR B 209 -12.09 -13.68 51.25
N GLU B 210 -12.96 -13.23 50.36
CA GLU B 210 -14.24 -12.63 50.74
C GLU B 210 -15.41 -13.45 50.15
N VAL C 2 17.16 -0.98 -35.43
CA VAL C 2 16.47 -1.58 -34.30
C VAL C 2 15.07 -0.96 -34.15
N GLN C 3 14.01 -1.76 -34.20
CA GLN C 3 12.72 -1.19 -33.91
C GLN C 3 11.83 -2.15 -33.12
N LEU C 4 10.99 -1.56 -32.28
CA LEU C 4 10.02 -2.28 -31.46
C LEU C 4 8.64 -1.74 -31.82
N VAL C 5 7.70 -2.64 -32.11
CA VAL C 5 6.35 -2.25 -32.45
C VAL C 5 5.35 -2.97 -31.55
N GLU C 6 4.60 -2.20 -30.76
CA GLU C 6 3.57 -2.76 -29.88
C GLU C 6 2.30 -3.09 -30.66
N SER C 7 1.46 -3.95 -30.10
CA SER C 7 0.22 -4.29 -30.79
C SER C 7 -0.79 -3.15 -30.64
N GLY C 8 -1.92 -3.28 -31.33
CA GLY C 8 -2.93 -2.23 -31.35
C GLY C 8 -3.58 -1.89 -30.01
N ALA C 9 -4.21 -0.71 -30.03
CA ALA C 9 -4.92 -0.13 -28.89
C ALA C 9 -6.01 -1.05 -28.40
N GLU C 10 -6.23 -1.06 -27.09
CA GLU C 10 -7.14 -2.01 -26.47
C GLU C 10 -8.15 -1.27 -25.60
N VAL C 11 -9.38 -1.79 -25.54
CA VAL C 11 -10.45 -1.23 -24.72
C VAL C 11 -11.01 -2.35 -23.84
N LYS C 12 -10.91 -2.18 -22.52
CA LYS C 12 -11.23 -3.25 -21.59
C LYS C 12 -12.09 -2.77 -20.43
N LYS C 13 -12.92 -3.69 -19.87
CA LYS C 13 -13.69 -3.44 -18.66
C LYS C 13 -12.85 -3.73 -17.43
N PRO C 14 -13.12 -3.08 -16.30
CA PRO C 14 -12.43 -3.44 -15.05
C PRO C 14 -12.58 -4.94 -14.76
N GLY C 15 -11.51 -5.54 -14.22
CA GLY C 15 -11.47 -6.95 -13.95
C GLY C 15 -11.01 -7.83 -15.09
N ALA C 16 -11.00 -7.31 -16.32
CA ALA C 16 -10.53 -8.08 -17.46
C ALA C 16 -9.00 -8.15 -17.42
N SER C 17 -8.43 -8.87 -18.39
CA SER C 17 -6.99 -8.91 -18.59
C SER C 17 -6.68 -8.41 -19.98
N VAL C 18 -5.45 -7.94 -20.15
CA VAL C 18 -5.00 -7.49 -21.45
C VAL C 18 -3.63 -8.11 -21.71
N LYS C 19 -3.39 -8.54 -22.93
CA LYS C 19 -2.09 -9.05 -23.35
C LYS C 19 -1.63 -8.19 -24.52
N VAL C 20 -0.59 -7.39 -24.30
CA VAL C 20 0.02 -6.55 -25.32
C VAL C 20 1.27 -7.26 -25.84
N SER C 21 1.52 -7.16 -27.13
CA SER C 21 2.75 -7.76 -27.67
C SER C 21 3.68 -6.68 -28.19
N CYS C 22 4.93 -7.07 -28.34
CA CYS C 22 5.96 -6.17 -28.84
C CYS C 22 6.80 -6.95 -29.84
N LYS C 23 6.75 -6.58 -31.12
CA LYS C 23 7.50 -7.31 -32.14
C LYS C 23 8.82 -6.55 -32.31
N ALA C 24 9.94 -7.22 -32.08
CA ALA C 24 11.26 -6.62 -32.17
C ALA C 24 11.93 -7.00 -33.48
N SER C 25 12.67 -6.08 -34.08
CA SER C 25 13.32 -6.39 -35.36
C SER C 25 14.61 -5.60 -35.48
N GLY C 26 15.50 -6.10 -36.35
CA GLY C 26 16.73 -5.40 -36.64
C GLY C 26 17.90 -5.73 -35.75
N TYR C 27 17.81 -6.76 -34.91
CA TYR C 27 18.91 -7.15 -34.04
C TYR C 27 18.65 -8.59 -33.61
N THR C 28 19.61 -9.19 -32.94
CA THR C 28 19.47 -10.58 -32.48
C THR C 28 18.62 -10.56 -31.23
N PHE C 29 17.32 -10.87 -31.41
CA PHE C 29 16.33 -10.73 -30.33
C PHE C 29 16.79 -11.38 -29.03
N THR C 30 17.46 -12.52 -29.16
CA THR C 30 17.77 -13.41 -28.06
C THR C 30 18.93 -12.87 -27.17
N ASN C 31 19.59 -11.77 -27.54
CA ASN C 31 20.70 -11.21 -26.76
C ASN C 31 20.31 -10.06 -25.82
N TYR C 32 19.05 -9.66 -25.76
CA TYR C 32 18.71 -8.48 -24.97
C TYR C 32 17.46 -8.74 -24.14
N ALA C 33 17.32 -7.96 -23.09
CA ALA C 33 16.08 -7.95 -22.33
C ALA C 33 15.13 -6.92 -22.92
N ILE C 34 13.83 -7.19 -22.79
CA ILE C 34 12.78 -6.25 -23.18
C ILE C 34 12.05 -5.80 -21.92
N HIS C 35 11.89 -4.48 -21.77
CA HIS C 35 11.17 -3.83 -20.70
C HIS C 35 9.75 -3.49 -21.12
N TRP C 36 8.85 -3.42 -20.15
CA TRP C 36 7.53 -2.83 -20.32
C TRP C 36 7.44 -1.64 -19.40
N VAL C 37 7.05 -0.50 -19.94
CA VAL C 37 6.96 0.75 -19.20
C VAL C 37 5.61 1.37 -19.52
N ARG C 38 4.95 1.91 -18.52
CA ARG C 38 3.66 2.54 -18.78
C ARG C 38 3.63 4.00 -18.34
N GLN C 39 2.72 4.74 -18.94
CA GLN C 39 2.58 6.17 -18.70
C GLN C 39 1.09 6.48 -18.71
N ALA C 40 0.53 6.77 -17.55
CA ALA C 40 -0.87 7.20 -17.49
C ALA C 40 -0.96 8.63 -18.02
N PRO C 41 -2.15 9.02 -18.54
CA PRO C 41 -2.30 10.35 -19.18
C PRO C 41 -1.77 11.48 -18.31
N GLY C 42 -0.78 12.21 -18.83
CA GLY C 42 -0.21 13.36 -18.15
C GLY C 42 0.74 13.02 -17.02
N GLN C 43 1.15 11.77 -16.88
CA GLN C 43 1.90 11.34 -15.72
C GLN C 43 3.29 10.83 -16.11
N ARG C 44 3.98 10.41 -15.07
CA ARG C 44 5.34 9.95 -15.11
C ARG C 44 5.47 8.58 -15.82
N LEU C 45 6.64 8.31 -16.37
CA LEU C 45 6.93 6.95 -16.85
C LEU C 45 7.06 6.02 -15.67
N GLU C 46 6.50 4.81 -15.82
CA GLU C 46 6.47 3.81 -14.75
C GLU C 46 6.92 2.45 -15.27
N TRP C 47 8.02 1.95 -14.70
CA TRP C 47 8.54 0.64 -15.06
C TRP C 47 7.64 -0.50 -14.56
N MET C 48 7.39 -1.48 -15.40
CA MET C 48 6.61 -2.66 -15.00
C MET C 48 7.45 -3.92 -14.85
N GLY C 49 8.45 -4.12 -15.71
CA GLY C 49 9.26 -5.32 -15.63
C GLY C 49 10.04 -5.55 -16.91
N TRP C 50 10.87 -6.59 -16.88
CA TRP C 50 11.59 -7.00 -18.06
C TRP C 50 11.65 -8.52 -18.15
N ILE C 51 11.90 -8.98 -19.38
CA ILE C 51 12.20 -10.37 -19.65
C ILE C 51 13.51 -10.43 -20.44
N ASN C 52 14.38 -11.36 -20.04
CA ASN C 52 15.58 -11.67 -20.81
C ASN C 52 15.16 -12.57 -21.96
N ALA C 53 15.24 -12.04 -23.19
CA ALA C 53 14.69 -12.77 -24.35
C ALA C 53 15.41 -14.08 -24.62
N GLY C 54 16.65 -14.25 -24.14
CA GLY C 54 17.37 -15.52 -24.29
C GLY C 54 16.99 -16.53 -23.22
N ARG C 55 17.43 -16.31 -21.99
CA ARG C 55 17.17 -17.24 -20.90
C ARG C 55 15.69 -17.32 -20.54
N GLY C 56 14.94 -16.24 -20.68
CA GLY C 56 13.55 -16.25 -20.29
C GLY C 56 13.29 -15.82 -18.87
N ASN C 57 14.33 -15.51 -18.09
CA ASN C 57 14.09 -15.00 -16.75
C ASN C 57 13.51 -13.58 -16.81
N THR C 58 12.88 -13.17 -15.71
CA THR C 58 12.14 -11.92 -15.63
C THR C 58 12.48 -11.18 -14.33
N LYS C 59 12.08 -9.90 -14.30
CA LYS C 59 11.99 -9.12 -13.06
C LYS C 59 10.74 -8.26 -13.15
N TYR C 60 10.01 -8.18 -12.05
CA TYR C 60 8.78 -7.40 -12.02
C TYR C 60 8.89 -6.33 -10.97
N SER C 61 8.35 -5.16 -11.26
CA SER C 61 8.16 -4.16 -10.23
C SER C 61 7.21 -4.71 -9.17
N GLN C 62 7.55 -4.52 -7.91
CA GLN C 62 6.69 -5.12 -6.92
C GLN C 62 5.41 -4.31 -6.71
N LYS C 63 5.34 -3.09 -7.26
CA LYS C 63 4.11 -2.30 -7.33
C LYS C 63 2.98 -3.01 -8.05
N PHE C 64 3.25 -4.00 -8.87
CA PHE C 64 2.17 -4.66 -9.59
C PHE C 64 1.76 -5.96 -8.93
N GLN C 65 2.50 -6.38 -7.90
CA GLN C 65 2.07 -7.36 -6.90
C GLN C 65 1.40 -8.57 -7.51
N GLY C 66 2.13 -9.23 -8.40
CA GLY C 66 1.65 -10.42 -9.07
C GLY C 66 0.45 -10.23 -9.97
N ARG C 67 0.33 -9.08 -10.64
CA ARG C 67 -0.66 -8.92 -11.70
C ARG C 67 -0.06 -8.97 -13.10
N VAL C 68 1.27 -8.88 -13.21
CA VAL C 68 2.00 -8.77 -14.48
C VAL C 68 2.66 -10.09 -14.78
N THR C 69 2.53 -10.54 -16.03
CA THR C 69 3.28 -11.68 -16.53
C THR C 69 3.93 -11.27 -17.83
N ILE C 70 5.24 -11.41 -17.93
CA ILE C 70 5.95 -11.11 -19.16
C ILE C 70 6.48 -12.42 -19.70
N THR C 71 6.25 -12.67 -20.99
CA THR C 71 6.72 -13.84 -21.71
C THR C 71 7.37 -13.39 -23.02
N ARG C 72 8.00 -14.34 -23.73
CA ARG C 72 8.58 -14.05 -25.03
C ARG C 72 8.51 -15.30 -25.87
N ASP C 73 8.49 -15.08 -27.17
CA ASP C 73 8.51 -16.11 -28.20
C ASP C 73 9.73 -15.83 -29.07
N THR C 74 10.77 -16.68 -28.96
CA THR C 74 12.06 -16.32 -29.55
C THR C 74 12.01 -16.28 -31.07
N SER C 75 11.43 -17.30 -31.73
CA SER C 75 11.38 -17.27 -33.21
C SER C 75 10.44 -16.21 -33.76
N ALA C 76 9.44 -15.78 -32.99
CA ALA C 76 8.63 -14.66 -33.41
C ALA C 76 9.25 -13.33 -33.07
N SER C 77 10.31 -13.34 -32.26
CA SER C 77 10.96 -12.15 -31.70
C SER C 77 9.92 -11.15 -31.19
N THR C 78 9.01 -11.65 -30.36
CA THR C 78 7.98 -10.81 -29.78
C THR C 78 7.94 -11.10 -28.28
N ALA C 79 7.95 -10.05 -27.48
CA ALA C 79 7.69 -10.16 -26.06
C ALA C 79 6.22 -9.82 -25.80
N TYR C 80 5.70 -10.36 -24.71
CA TYR C 80 4.31 -10.15 -24.35
C TYR C 80 4.22 -9.64 -22.93
N MET C 81 3.26 -8.78 -22.70
CA MET C 81 2.94 -8.40 -21.34
C MET C 81 1.46 -8.65 -21.10
N GLU C 82 1.17 -9.40 -20.04
CA GLU C 82 -0.19 -9.69 -19.60
C GLU C 82 -0.45 -9.01 -18.27
N LEU C 83 -1.39 -8.10 -18.25
CA LEU C 83 -1.79 -7.42 -17.02
C LEU C 83 -3.20 -7.90 -16.70
N SER C 84 -3.36 -8.59 -15.58
CA SER C 84 -4.66 -9.16 -15.25
C SER C 84 -5.35 -8.33 -14.15
N SER C 85 -6.65 -8.57 -14.01
CA SER C 85 -7.49 -7.81 -13.08
C SER C 85 -7.32 -6.29 -13.25
N LEU C 86 -7.64 -5.83 -14.47
CA LEU C 86 -7.50 -4.42 -14.82
C LEU C 86 -8.37 -3.53 -13.95
N ARG C 87 -7.85 -2.37 -13.61
CA ARG C 87 -8.63 -1.33 -12.98
C ARG C 87 -8.37 -0.02 -13.70
N SER C 88 -9.14 0.99 -13.34
CA SER C 88 -9.15 2.23 -14.11
C SER C 88 -7.79 2.92 -14.12
N GLU C 89 -7.02 2.80 -13.04
CA GLU C 89 -5.65 3.33 -12.99
C GLU C 89 -4.68 2.63 -13.93
N ASP C 90 -5.06 1.47 -14.48
CA ASP C 90 -4.25 0.81 -15.49
C ASP C 90 -4.44 1.42 -16.88
N ALA C 91 -5.36 2.37 -17.04
CA ALA C 91 -5.51 3.04 -18.32
C ALA C 91 -4.27 3.88 -18.61
N ALA C 92 -3.55 3.55 -19.66
CA ALA C 92 -2.26 4.19 -19.88
C ALA C 92 -1.76 3.87 -21.27
N VAL C 93 -0.68 4.55 -21.63
CA VAL C 93 0.14 4.14 -22.76
C VAL C 93 1.16 3.13 -22.26
N TYR C 94 1.31 2.02 -22.97
CA TYR C 94 2.25 0.97 -22.61
C TYR C 94 3.34 0.95 -23.68
N PHE C 95 4.58 1.17 -23.26
CA PHE C 95 5.74 1.10 -24.13
C PHE C 95 6.51 -0.19 -23.85
N CYS C 96 7.01 -0.83 -24.90
CA CYS C 96 8.13 -1.73 -24.69
C CYS C 96 9.40 -0.98 -25.06
N ALA C 97 10.48 -1.34 -24.38
CA ALA C 97 11.80 -0.74 -24.60
C ALA C 97 12.87 -1.81 -24.47
N ARG C 98 13.92 -1.69 -25.26
CA ARG C 98 15.01 -2.65 -25.17
C ARG C 98 16.04 -2.20 -24.14
N ASP C 99 16.48 -3.14 -23.32
CA ASP C 99 17.53 -2.87 -22.34
C ASP C 99 18.87 -2.72 -23.06
N GLU C 100 19.82 -2.06 -22.41
CA GLU C 100 21.17 -1.98 -22.96
C GLU C 100 21.78 -3.36 -23.13
N SER C 101 21.50 -4.28 -22.19
CA SER C 101 21.84 -5.69 -22.38
C SER C 101 20.71 -6.58 -21.89
N THR C 102 20.93 -7.35 -20.83
CA THR C 102 19.96 -8.32 -20.33
C THR C 102 19.35 -7.94 -18.97
N GLY C 103 19.28 -6.65 -18.66
CA GLY C 103 18.60 -6.24 -17.45
C GLY C 103 19.43 -6.33 -16.19
N ASP C 104 20.71 -6.62 -16.31
CA ASP C 104 21.57 -6.89 -15.17
C ASP C 104 22.96 -6.24 -15.22
N TYR C 105 23.16 -5.17 -15.98
CA TYR C 105 24.49 -4.56 -15.94
C TYR C 105 24.46 -3.03 -15.78
N TYR C 106 24.38 -2.29 -16.89
CA TYR C 106 24.36 -0.82 -16.84
C TYR C 106 23.00 -0.18 -16.52
N TYR C 107 21.90 -0.94 -16.63
CA TYR C 107 20.54 -0.49 -16.26
C TYR C 107 19.98 0.77 -16.94
N TYR C 108 19.92 0.73 -18.26
CA TYR C 108 19.32 1.82 -19.02
C TYR C 108 18.68 1.16 -20.24
N MET C 109 17.77 1.89 -20.89
CA MET C 109 17.05 1.39 -22.07
C MET C 109 17.51 2.21 -23.27
N ASP C 110 17.95 1.54 -24.33
CA ASP C 110 18.42 2.25 -25.51
C ASP C 110 17.42 2.46 -26.64
N VAL C 111 16.40 1.62 -26.80
CA VAL C 111 15.42 1.78 -27.88
C VAL C 111 14.02 1.65 -27.32
N TRP C 112 13.09 2.52 -27.75
CA TRP C 112 11.70 2.46 -27.30
C TRP C 112 10.76 2.20 -28.46
N GLY C 113 9.63 1.54 -28.15
CA GLY C 113 8.60 1.31 -29.14
C GLY C 113 7.73 2.56 -29.32
N LYS C 114 6.76 2.45 -30.23
CA LYS C 114 5.84 3.56 -30.51
C LYS C 114 4.85 3.82 -29.39
N GLY C 115 4.55 2.82 -28.57
CA GLY C 115 3.57 2.91 -27.50
C GLY C 115 2.19 2.46 -27.95
N THR C 116 1.44 1.90 -27.01
CA THR C 116 0.06 1.56 -27.32
C THR C 116 -0.81 1.90 -26.13
N THR C 117 -2.06 2.23 -26.43
CA THR C 117 -2.99 2.67 -25.40
C THR C 117 -3.89 1.52 -24.96
N VAL C 118 -4.11 1.42 -23.65
CA VAL C 118 -5.13 0.55 -23.09
C VAL C 118 -6.12 1.44 -22.35
N THR C 119 -7.39 1.36 -22.77
CA THR C 119 -8.48 2.03 -22.07
C THR C 119 -9.15 1.02 -21.15
N VAL C 120 -9.32 1.40 -19.89
CA VAL C 120 -10.03 0.57 -18.92
C VAL C 120 -11.21 1.37 -18.44
N SER C 121 -12.42 0.84 -18.68
CA SER C 121 -13.65 1.57 -18.42
C SER C 121 -14.83 0.62 -18.28
N SER C 122 -15.74 0.97 -17.40
CA SER C 122 -16.98 0.23 -17.34
C SER C 122 -17.99 0.74 -18.35
N ALA C 123 -17.67 1.82 -19.08
CA ALA C 123 -18.57 2.34 -20.09
C ALA C 123 -18.70 1.36 -21.25
N SER C 124 -19.85 1.41 -21.89
CA SER C 124 -20.14 0.63 -23.09
C SER C 124 -20.09 1.51 -24.32
N THR C 125 -19.93 0.88 -25.48
CA THR C 125 -19.86 1.63 -26.73
C THR C 125 -21.09 2.50 -26.89
N LYS C 126 -20.89 3.78 -27.22
CA LYS C 126 -22.00 4.68 -27.43
C LYS C 126 -21.59 5.66 -28.52
N GLY C 127 -22.46 5.81 -29.53
CA GLY C 127 -22.22 6.77 -30.59
C GLY C 127 -22.46 8.18 -30.09
N PRO C 128 -21.83 9.18 -30.72
CA PRO C 128 -21.97 10.55 -30.24
C PRO C 128 -23.21 11.24 -30.83
N SER C 129 -23.66 12.28 -30.11
CA SER C 129 -24.54 13.29 -30.68
C SER C 129 -23.71 14.45 -31.20
N VAL C 130 -24.09 14.99 -32.34
CA VAL C 130 -23.34 16.04 -33.03
C VAL C 130 -24.19 17.29 -33.08
N PHE C 131 -23.63 18.41 -32.59
CA PHE C 131 -24.37 19.66 -32.54
C PHE C 131 -23.59 20.77 -33.24
N PRO C 132 -24.28 21.66 -33.96
CA PRO C 132 -23.61 22.77 -34.63
C PRO C 132 -23.24 23.87 -33.65
N LEU C 133 -22.11 24.49 -33.90
CA LEU C 133 -21.72 25.71 -33.20
C LEU C 133 -21.84 26.84 -34.21
N ALA C 134 -22.98 27.53 -34.20
CA ALA C 134 -23.25 28.51 -35.23
C ALA C 134 -22.34 29.72 -35.08
N PRO C 135 -21.87 30.31 -36.18
CA PRO C 135 -20.96 31.46 -36.10
C PRO C 135 -21.64 32.73 -35.61
N SER C 136 -20.85 33.57 -34.94
CA SER C 136 -21.29 34.83 -34.32
C SER C 136 -22.51 34.66 -33.41
N ALA C 145 -14.41 34.97 -38.75
CA ALA C 145 -15.52 34.23 -38.12
C ALA C 145 -15.16 32.79 -37.68
N ALA C 146 -15.72 32.33 -36.57
CA ALA C 146 -15.48 30.98 -36.07
C ALA C 146 -16.79 30.19 -36.04
N LEU C 147 -16.74 28.95 -36.53
CA LEU C 147 -17.89 28.04 -36.46
C LEU C 147 -17.38 26.62 -36.20
N GLY C 148 -18.27 25.73 -35.78
CA GLY C 148 -17.79 24.39 -35.46
C GLY C 148 -18.87 23.38 -35.15
N CYS C 149 -18.40 22.22 -34.68
CA CYS C 149 -19.24 21.08 -34.32
C CYS C 149 -18.88 20.61 -32.92
N LEU C 150 -19.90 20.29 -32.13
CA LEU C 150 -19.71 19.72 -30.81
C LEU C 150 -20.11 18.25 -30.90
N VAL C 151 -19.16 17.36 -30.61
CA VAL C 151 -19.33 15.90 -30.71
C VAL C 151 -19.43 15.38 -29.28
N LYS C 152 -20.65 15.03 -28.87
CA LYS C 152 -20.95 14.85 -27.45
C LYS C 152 -21.29 13.41 -27.09
N ASP C 153 -20.70 12.94 -25.97
CA ASP C 153 -21.07 11.74 -25.22
C ASP C 153 -20.93 10.46 -26.05
N TYR C 154 -19.68 10.12 -26.37
CA TYR C 154 -19.40 8.88 -27.06
C TYR C 154 -18.38 8.04 -26.30
N PHE C 155 -18.29 6.76 -26.68
CA PHE C 155 -17.29 5.87 -26.12
C PHE C 155 -17.15 4.73 -27.09
N PRO C 156 -15.93 4.23 -27.34
CA PRO C 156 -14.65 4.76 -26.85
C PRO C 156 -14.02 5.75 -27.83
N GLU C 157 -12.81 6.23 -27.53
CA GLU C 157 -12.02 6.95 -28.52
C GLU C 157 -11.71 6.01 -29.66
N PRO C 158 -11.54 6.52 -30.88
CA PRO C 158 -11.58 7.93 -31.27
C PRO C 158 -12.75 8.32 -32.14
N VAL C 159 -12.95 9.62 -32.28
CA VAL C 159 -13.81 10.20 -33.30
C VAL C 159 -12.91 10.92 -34.30
N THR C 160 -13.28 10.90 -35.58
CA THR C 160 -12.62 11.73 -36.58
C THR C 160 -13.61 12.75 -37.12
N VAL C 161 -13.12 13.96 -37.37
CA VAL C 161 -13.92 15.06 -37.87
C VAL C 161 -13.21 15.69 -39.05
N SER C 162 -13.88 15.68 -40.20
CA SER C 162 -13.47 16.43 -41.37
C SER C 162 -14.52 17.50 -41.67
N TRP C 163 -14.17 18.44 -42.53
CA TRP C 163 -15.06 19.51 -42.94
C TRP C 163 -15.22 19.50 -44.45
N ASN C 164 -16.48 19.57 -44.90
CA ASN C 164 -16.83 19.47 -46.32
C ASN C 164 -16.09 18.30 -46.99
N SER C 165 -16.20 17.13 -46.36
CA SER C 165 -15.58 15.88 -46.83
C SER C 165 -14.10 16.05 -47.14
N GLY C 166 -13.40 16.79 -46.28
CA GLY C 166 -11.97 16.96 -46.40
C GLY C 166 -11.57 18.08 -47.32
N ALA C 167 -12.54 18.68 -48.02
CA ALA C 167 -12.25 19.78 -48.93
C ALA C 167 -11.75 21.02 -48.20
N LEU C 168 -12.27 21.28 -47.00
CA LEU C 168 -11.89 22.44 -46.21
C LEU C 168 -10.91 21.98 -45.12
N THR C 169 -9.67 22.42 -45.21
CA THR C 169 -8.64 22.00 -44.26
C THR C 169 -7.95 23.15 -43.52
N SER C 170 -7.68 24.27 -44.19
CA SER C 170 -6.99 25.38 -43.53
C SER C 170 -7.92 26.06 -42.52
N GLY C 171 -7.34 26.46 -41.40
CA GLY C 171 -8.11 27.08 -40.34
C GLY C 171 -8.90 26.11 -39.51
N VAL C 172 -8.73 24.79 -39.75
CA VAL C 172 -9.43 23.74 -39.01
C VAL C 172 -8.59 23.37 -37.80
N HIS C 173 -9.22 23.35 -36.64
CA HIS C 173 -8.60 22.84 -35.43
C HIS C 173 -9.60 21.92 -34.75
N THR C 174 -9.29 20.63 -34.75
CA THR C 174 -10.07 19.62 -34.05
C THR C 174 -9.41 19.38 -32.69
N PHE C 175 -10.15 19.61 -31.62
CA PHE C 175 -9.57 19.55 -30.29
C PHE C 175 -9.42 18.12 -29.80
N PRO C 176 -8.48 17.87 -28.89
CA PRO C 176 -8.46 16.56 -28.21
C PRO C 176 -9.70 16.40 -27.33
N ALA C 177 -10.13 15.14 -27.15
CA ALA C 177 -11.35 14.84 -26.39
C ALA C 177 -11.16 15.08 -24.89
N VAL C 178 -12.27 15.37 -24.20
CA VAL C 178 -12.28 15.34 -22.74
C VAL C 178 -12.98 14.06 -22.30
N LEU C 179 -12.55 13.52 -21.17
CA LEU C 179 -13.21 12.39 -20.55
C LEU C 179 -13.99 12.95 -19.37
N GLN C 180 -15.32 12.90 -19.45
CA GLN C 180 -16.17 13.44 -18.42
C GLN C 180 -16.36 12.44 -17.26
N SER C 181 -16.88 12.95 -16.14
CA SER C 181 -17.14 12.11 -14.97
C SER C 181 -18.05 10.93 -15.31
N SER C 182 -18.94 11.12 -16.28
CA SER C 182 -19.85 10.07 -16.71
C SER C 182 -19.15 8.90 -17.37
N GLY C 183 -17.85 9.03 -17.68
CA GLY C 183 -17.17 8.00 -18.45
C GLY C 183 -17.23 8.19 -19.95
N LEU C 184 -17.93 9.20 -20.45
CA LEU C 184 -18.06 9.42 -21.88
C LEU C 184 -17.17 10.55 -22.36
N TYR C 185 -16.75 10.47 -23.61
CA TYR C 185 -15.90 11.49 -24.19
C TYR C 185 -16.72 12.55 -24.89
N SER C 186 -16.07 13.69 -25.14
CA SER C 186 -16.62 14.80 -25.90
C SER C 186 -15.47 15.57 -26.53
N LEU C 187 -15.68 16.02 -27.77
CA LEU C 187 -14.71 16.93 -28.40
C LEU C 187 -15.49 17.90 -29.27
N SER C 188 -14.75 18.86 -29.83
CA SER C 188 -15.31 19.80 -30.77
C SER C 188 -14.30 20.08 -31.87
N SER C 189 -14.81 20.38 -33.06
CA SER C 189 -13.94 20.78 -34.16
C SER C 189 -14.40 22.15 -34.61
N VAL C 190 -13.43 23.03 -34.89
CA VAL C 190 -13.76 24.40 -35.27
C VAL C 190 -12.90 24.84 -36.45
N VAL C 191 -13.48 25.73 -37.24
CA VAL C 191 -12.83 26.32 -38.40
C VAL C 191 -12.99 27.83 -38.33
N THR C 192 -11.89 28.56 -38.52
CA THR C 192 -11.91 30.01 -38.71
C THR C 192 -12.09 30.29 -40.20
N VAL C 193 -13.14 31.04 -40.51
CA VAL C 193 -13.53 31.29 -41.90
C VAL C 193 -13.63 32.79 -42.14
N PRO C 194 -13.64 33.21 -43.41
CA PRO C 194 -13.86 34.62 -43.72
C PRO C 194 -15.30 35.04 -43.44
N SER C 195 -15.45 36.20 -42.80
CA SER C 195 -16.79 36.64 -42.39
C SER C 195 -17.72 36.75 -43.60
N SER C 196 -17.19 37.20 -44.75
CA SER C 196 -17.97 37.28 -45.99
C SER C 196 -18.45 35.91 -46.49
N SER C 197 -17.58 34.89 -46.43
CA SER C 197 -17.88 33.56 -46.97
C SER C 197 -19.18 33.01 -46.41
N LEU C 198 -19.55 33.49 -45.22
CA LEU C 198 -20.76 33.09 -44.53
C LEU C 198 -21.97 33.31 -45.42
N GLY C 199 -22.99 32.46 -45.29
CA GLY C 199 -24.19 32.64 -46.08
C GLY C 199 -24.09 32.40 -47.58
N THR C 200 -22.90 32.09 -48.10
CA THR C 200 -22.77 31.67 -49.50
C THR C 200 -22.07 30.33 -49.57
N GLN C 201 -20.97 30.20 -48.85
CA GLN C 201 -20.25 28.94 -48.79
C GLN C 201 -20.87 28.12 -47.66
N THR C 202 -21.25 26.89 -47.96
CA THR C 202 -21.87 26.01 -46.97
C THR C 202 -20.81 25.17 -46.27
N TYR C 203 -20.92 25.07 -44.95
CA TYR C 203 -19.96 24.35 -44.13
C TYR C 203 -20.65 23.14 -43.51
N ILE C 204 -20.13 21.94 -43.78
CA ILE C 204 -20.71 20.72 -43.25
C ILE C 204 -19.56 19.97 -42.57
N CYS C 205 -19.71 19.64 -41.28
CA CYS C 205 -18.74 18.78 -40.61
C CYS C 205 -19.17 17.31 -40.71
N ASN C 206 -18.18 16.44 -40.93
CA ASN C 206 -18.40 15.00 -41.09
C ASN C 206 -17.80 14.31 -39.87
N VAL C 207 -18.66 13.74 -39.03
CA VAL C 207 -18.22 13.07 -37.81
C VAL C 207 -18.36 11.57 -38.00
N ASN C 208 -17.27 10.84 -37.77
CA ASN C 208 -17.23 9.39 -37.87
C ASN C 208 -16.76 8.81 -36.54
N HIS C 209 -17.56 7.89 -35.98
CA HIS C 209 -17.24 7.14 -34.76
C HIS C 209 -17.34 5.68 -35.15
N LYS C 210 -16.22 5.11 -35.54
CA LYS C 210 -16.23 3.76 -36.09
C LYS C 210 -16.64 2.68 -35.09
N PRO C 211 -16.33 2.78 -33.79
CA PRO C 211 -16.77 1.72 -32.87
C PRO C 211 -18.28 1.54 -32.83
N SER C 212 -19.06 2.61 -33.01
CA SER C 212 -20.50 2.48 -33.04
C SER C 212 -21.05 2.53 -34.45
N ASN C 213 -20.17 2.57 -35.45
CA ASN C 213 -20.56 2.75 -36.84
C ASN C 213 -21.50 3.96 -36.96
N THR C 214 -21.10 5.07 -36.35
CA THR C 214 -21.86 6.32 -36.40
C THR C 214 -21.22 7.25 -37.41
N LYS C 215 -21.98 7.62 -38.43
CA LYS C 215 -21.57 8.63 -39.40
C LYS C 215 -22.64 9.71 -39.43
N VAL C 216 -22.22 10.96 -39.25
CA VAL C 216 -23.12 12.09 -39.21
C VAL C 216 -22.51 13.25 -40.00
N ASP C 217 -23.31 13.87 -40.86
CA ASP C 217 -22.94 15.10 -41.56
C ASP C 217 -23.84 16.23 -41.04
N LYS C 218 -23.22 17.29 -40.53
CA LYS C 218 -23.97 18.37 -39.90
C LYS C 218 -23.69 19.70 -40.60
N LYS C 219 -24.76 20.34 -41.07
CA LYS C 219 -24.71 21.70 -41.60
C LYS C 219 -24.59 22.68 -40.45
N VAL C 220 -23.64 23.60 -40.53
CA VAL C 220 -23.45 24.61 -39.51
C VAL C 220 -23.77 25.96 -40.16
N GLU C 221 -24.98 26.48 -39.90
CA GLU C 221 -25.48 27.68 -40.54
C GLU C 221 -25.59 28.82 -39.54
N PRO C 222 -25.50 30.08 -39.99
CA PRO C 222 -25.50 31.24 -39.09
C PRO C 222 -26.77 31.40 -38.30
N SER D 1 9.22 2.30 -2.32
CA SER D 1 10.43 2.02 -3.07
C SER D 1 11.31 3.24 -3.14
N TYR D 2 12.35 3.07 -3.94
CA TYR D 2 13.28 4.14 -4.24
C TYR D 2 12.57 5.26 -4.99
N GLU D 3 12.92 6.50 -4.66
CA GLU D 3 12.36 7.68 -5.29
C GLU D 3 13.45 8.50 -5.96
N LEU D 4 13.14 8.99 -7.15
CA LEU D 4 13.99 9.92 -7.89
C LEU D 4 13.22 11.20 -8.11
N THR D 5 13.67 12.27 -7.47
CA THR D 5 12.93 13.53 -7.42
C THR D 5 13.52 14.55 -8.37
N GLN D 6 12.68 15.10 -9.24
CA GLN D 6 13.04 16.14 -10.20
C GLN D 6 12.21 17.39 -9.94
N PRO D 7 12.75 18.57 -10.25
CA PRO D 7 11.90 19.76 -10.32
C PRO D 7 10.84 19.58 -11.39
N PRO D 8 9.61 20.00 -11.13
CA PRO D 8 8.55 19.75 -12.10
C PRO D 8 8.69 20.52 -13.40
N SER D 9 9.24 21.73 -13.38
CA SER D 9 9.30 22.52 -14.59
C SER D 9 10.56 23.39 -14.65
N VAL D 10 11.01 23.65 -15.86
CA VAL D 10 12.12 24.54 -16.15
C VAL D 10 11.75 25.33 -17.40
N SER D 11 11.85 26.65 -17.33
CA SER D 11 11.53 27.49 -18.47
C SER D 11 12.78 28.25 -18.84
N VAL D 12 13.02 28.36 -20.16
CA VAL D 12 14.30 28.82 -20.69
C VAL D 12 14.06 29.51 -22.02
N SER D 13 14.95 30.56 -22.34
CA SER D 13 14.84 31.15 -23.67
C SER D 13 15.94 30.60 -24.56
N PRO D 14 15.71 30.56 -25.88
CA PRO D 14 16.65 29.89 -26.77
C PRO D 14 18.04 30.52 -26.65
N GLY D 15 19.04 29.67 -26.42
CA GLY D 15 20.39 30.09 -26.15
C GLY D 15 20.79 29.98 -24.70
N GLN D 16 19.86 30.13 -23.78
CA GLN D 16 20.23 29.93 -22.38
C GLN D 16 20.49 28.45 -22.10
N THR D 17 21.01 28.20 -20.91
CA THR D 17 21.34 26.85 -20.47
C THR D 17 20.27 26.32 -19.51
N ALA D 18 19.78 25.12 -19.77
CA ALA D 18 18.82 24.43 -18.91
C ALA D 18 19.54 23.41 -18.03
N SER D 19 19.18 23.39 -16.74
CA SER D 19 19.70 22.37 -15.83
C SER D 19 18.53 21.65 -15.19
N ILE D 20 18.45 20.34 -15.42
CA ILE D 20 17.43 19.50 -14.82
C ILE D 20 18.11 18.61 -13.80
N THR D 21 17.66 18.65 -12.57
CA THR D 21 18.29 17.86 -11.52
C THR D 21 17.41 16.69 -11.16
N CYS D 22 18.03 15.72 -10.51
CA CYS D 22 17.37 14.50 -10.11
C CYS D 22 18.08 14.01 -8.87
N SER D 23 17.36 13.91 -7.78
CA SER D 23 17.96 13.56 -6.51
C SER D 23 17.46 12.21 -6.05
N GLY D 24 18.36 11.42 -5.48
CA GLY D 24 17.95 10.17 -4.90
C GLY D 24 18.99 9.72 -3.91
N ASP D 25 18.55 8.86 -2.98
CA ASP D 25 19.47 8.35 -1.98
C ASP D 25 20.53 7.45 -2.61
N ARG D 26 21.79 7.70 -2.24
CA ARG D 26 22.94 6.93 -2.74
C ARG D 26 23.01 6.94 -4.27
N LEU D 27 22.43 7.98 -4.88
CA LEU D 27 22.49 8.12 -6.34
C LEU D 27 23.93 8.16 -6.82
N ASP D 28 24.83 8.59 -5.95
CA ASP D 28 26.23 8.64 -6.30
C ASP D 28 26.79 7.26 -6.65
N ASP D 29 26.23 6.19 -6.08
CA ASP D 29 26.69 4.82 -6.36
C ASP D 29 25.95 4.14 -7.51
N LYS D 30 25.11 4.88 -8.22
CA LYS D 30 24.29 4.33 -9.29
C LYS D 30 24.61 5.05 -10.60
N TYR D 31 24.31 4.37 -11.70
CA TYR D 31 24.37 4.99 -13.03
C TYR D 31 23.02 5.62 -13.33
N ALA D 32 23.05 6.90 -13.68
CA ALA D 32 21.84 7.63 -14.01
C ALA D 32 21.79 7.75 -15.53
N SER D 33 20.58 7.68 -16.07
CA SER D 33 20.39 7.93 -17.48
C SER D 33 19.25 8.93 -17.62
N TRP D 34 19.14 9.52 -18.79
CA TRP D 34 18.16 10.55 -19.06
C TRP D 34 17.44 10.25 -20.36
N TYR D 35 16.11 10.47 -20.35
CA TYR D 35 15.24 10.27 -21.50
C TYR D 35 14.53 11.58 -21.83
N GLN D 36 14.46 11.89 -23.12
CA GLN D 36 13.74 13.04 -23.63
C GLN D 36 12.44 12.54 -24.23
N GLN D 37 11.31 13.15 -23.87
CA GLN D 37 10.03 12.77 -24.45
C GLN D 37 9.35 14.03 -24.94
N LYS D 38 9.31 14.21 -26.25
CA LYS D 38 8.61 15.32 -26.83
C LYS D 38 7.13 15.02 -26.92
N ALA D 39 6.34 16.08 -27.03
CA ALA D 39 4.89 15.99 -26.98
C ALA D 39 4.35 14.88 -27.89
N GLY D 40 3.61 13.95 -27.31
CA GLY D 40 3.03 12.89 -28.11
C GLY D 40 4.03 11.93 -28.72
N GLN D 41 5.22 11.77 -28.14
CA GLN D 41 6.23 10.88 -28.70
C GLN D 41 6.74 9.88 -27.67
N SER D 42 7.45 8.88 -28.17
CA SER D 42 8.14 7.93 -27.33
C SER D 42 9.41 8.56 -26.75
N PRO D 43 9.85 8.09 -25.59
CA PRO D 43 11.15 8.53 -25.07
C PRO D 43 12.31 8.19 -26.00
N VAL D 44 13.36 8.99 -25.86
CA VAL D 44 14.62 8.84 -26.56
C VAL D 44 15.73 8.92 -25.52
N LEU D 45 16.63 7.94 -25.51
CA LEU D 45 17.77 8.03 -24.60
C LEU D 45 18.70 9.16 -25.05
N VAL D 46 19.05 10.09 -24.13
CA VAL D 46 19.95 11.19 -24.49
C VAL D 46 21.22 11.11 -23.65
N ILE D 47 21.15 10.52 -22.45
CA ILE D 47 22.33 10.33 -21.61
C ILE D 47 22.25 8.96 -20.94
N TYR D 48 23.37 8.25 -20.87
CA TYR D 48 23.42 6.99 -20.17
C TYR D 48 24.74 6.91 -19.43
N GLN D 49 24.79 6.05 -18.42
CA GLN D 49 25.97 5.87 -17.58
C GLN D 49 26.49 7.22 -17.06
N ASP D 50 25.56 8.06 -16.56
CA ASP D 50 25.83 9.39 -16.01
C ASP D 50 26.17 10.47 -17.02
N ASN D 51 27.14 10.23 -17.89
CA ASN D 51 27.62 11.30 -18.76
C ASN D 51 27.85 10.92 -20.21
N LYS D 52 27.54 9.71 -20.63
CA LYS D 52 27.77 9.35 -22.01
C LYS D 52 26.54 9.64 -22.84
N ARG D 53 26.77 9.95 -24.09
CA ARG D 53 25.76 10.39 -24.99
C ARG D 53 25.70 9.40 -26.15
N PRO D 54 24.54 8.93 -26.56
CA PRO D 54 24.50 8.04 -27.72
C PRO D 54 24.73 8.81 -29.02
N SER D 55 25.08 8.07 -30.07
CA SER D 55 25.31 8.68 -31.38
C SER D 55 24.05 9.37 -31.84
N GLY D 56 24.22 10.52 -32.49
CA GLY D 56 23.11 11.28 -33.00
C GLY D 56 22.49 12.20 -31.98
N ILE D 57 22.84 12.08 -30.72
CA ILE D 57 22.33 13.03 -29.74
C ILE D 57 23.19 14.28 -29.82
N PRO D 58 22.60 15.47 -30.02
CA PRO D 58 23.38 16.70 -30.14
C PRO D 58 24.32 16.91 -28.96
N GLU D 59 25.46 17.52 -29.25
CA GLU D 59 26.48 17.62 -28.21
C GLU D 59 26.11 18.65 -27.16
N ARG D 60 25.04 19.42 -27.37
CA ARG D 60 24.65 20.35 -26.32
C ARG D 60 24.03 19.65 -25.11
N PHE D 61 23.76 18.35 -25.20
CA PHE D 61 23.30 17.59 -24.03
C PHE D 61 24.50 16.99 -23.30
N SER D 62 24.56 17.22 -22.00
CA SER D 62 25.60 16.63 -21.18
C SER D 62 25.01 16.30 -19.81
N GLY D 63 25.64 15.34 -19.13
CA GLY D 63 25.18 14.89 -17.84
C GLY D 63 26.32 14.75 -16.85
N SER D 64 25.95 14.79 -15.58
CA SER D 64 26.87 14.57 -14.48
C SER D 64 26.11 13.91 -13.35
N ASN D 65 26.84 13.26 -12.47
CA ASN D 65 26.23 12.63 -11.31
C ASN D 65 27.14 12.86 -10.12
N SER D 66 26.70 13.70 -9.19
CA SER D 66 27.58 14.08 -8.09
C SER D 66 26.76 14.52 -6.89
N GLY D 67 27.25 14.16 -5.70
CA GLY D 67 26.57 14.47 -4.46
C GLY D 67 25.13 13.98 -4.40
N ASN D 68 24.88 12.75 -4.87
CA ASN D 68 23.53 12.18 -4.94
C ASN D 68 22.59 13.04 -5.79
N THR D 69 23.12 13.73 -6.78
CA THR D 69 22.28 14.53 -7.67
C THR D 69 22.74 14.30 -9.10
N ALA D 70 21.85 13.81 -9.94
CA ALA D 70 22.13 13.73 -11.35
C ALA D 70 21.69 15.03 -12.00
N THR D 71 22.43 15.45 -13.01
CA THR D 71 22.11 16.72 -13.65
C THR D 71 22.21 16.57 -15.15
N LEU D 72 21.14 16.91 -15.84
CA LEU D 72 21.12 17.02 -17.28
C LEU D 72 21.24 18.49 -17.65
N THR D 73 22.29 18.81 -18.42
CA THR D 73 22.56 20.17 -18.87
C THR D 73 22.36 20.26 -20.38
N ILE D 74 21.55 21.20 -20.80
CA ILE D 74 21.40 21.53 -22.22
C ILE D 74 22.05 22.90 -22.41
N SER D 75 23.18 22.94 -23.09
CA SER D 75 23.87 24.19 -23.40
C SER D 75 23.29 24.79 -24.67
N GLY D 76 23.00 26.10 -24.64
CA GLY D 76 22.44 26.74 -25.81
C GLY D 76 21.17 26.07 -26.26
N THR D 77 20.19 25.99 -25.35
CA THR D 77 18.94 25.29 -25.64
C THR D 77 18.27 25.85 -26.88
N GLN D 78 17.65 24.96 -27.64
CA GLN D 78 16.90 25.31 -28.84
C GLN D 78 15.41 25.05 -28.68
N ALA D 79 14.62 25.65 -29.58
CA ALA D 79 13.18 25.43 -29.56
C ALA D 79 12.82 23.95 -29.63
N MET D 80 13.58 23.17 -30.41
CA MET D 80 13.29 21.77 -30.58
C MET D 80 13.65 20.93 -29.36
N ASP D 81 14.31 21.49 -28.36
CA ASP D 81 14.64 20.76 -27.14
C ASP D 81 13.52 20.79 -26.12
N GLU D 82 12.45 21.53 -26.42
CA GLU D 82 11.24 21.53 -25.60
C GLU D 82 10.70 20.10 -25.47
N ALA D 83 10.59 19.62 -24.23
CA ALA D 83 10.20 18.24 -23.99
C ALA D 83 10.04 18.00 -22.49
N ASP D 84 9.50 16.83 -22.16
CA ASP D 84 9.61 16.29 -20.81
C ASP D 84 10.89 15.46 -20.71
N TYR D 85 11.59 15.62 -19.60
CA TYR D 85 12.86 14.92 -19.40
C TYR D 85 12.77 14.04 -18.16
N TYR D 86 13.14 12.78 -18.32
CA TYR D 86 13.11 11.81 -17.24
C TYR D 86 14.51 11.30 -16.96
N CYS D 87 14.84 11.29 -15.69
CA CYS D 87 16.00 10.67 -15.12
C CYS D 87 15.65 9.22 -14.78
N GLN D 88 16.63 8.32 -14.83
CA GLN D 88 16.34 6.92 -14.52
C GLN D 88 17.56 6.31 -13.86
N ALA D 89 17.32 5.37 -12.95
CA ALA D 89 18.39 4.70 -12.22
C ALA D 89 17.83 3.35 -11.77
N TRP D 90 18.63 2.60 -11.04
CA TRP D 90 18.28 1.25 -10.60
C TRP D 90 18.53 1.10 -9.11
N ASP D 91 17.59 0.44 -8.43
CA ASP D 91 17.73 0.12 -7.03
C ASP D 91 17.08 -1.21 -6.71
N SER D 92 17.84 -2.14 -6.15
CA SER D 92 17.35 -3.45 -5.68
C SER D 92 16.38 -4.15 -6.65
N ASP D 93 16.90 -4.42 -7.86
CA ASP D 93 16.17 -5.10 -8.93
C ASP D 93 15.00 -4.33 -9.48
N THR D 94 15.00 -3.03 -9.32
CA THR D 94 13.91 -2.20 -9.79
C THR D 94 14.48 -1.10 -10.67
N TYR D 95 13.89 -0.90 -11.83
CA TYR D 95 14.30 0.20 -12.68
C TYR D 95 13.37 1.31 -12.26
N VAL D 96 13.91 2.47 -11.90
CA VAL D 96 13.11 3.58 -11.42
C VAL D 96 13.29 4.81 -12.30
N PHE D 97 12.18 5.38 -12.74
CA PHE D 97 12.18 6.62 -13.47
C PHE D 97 11.90 7.75 -12.49
N GLY D 98 12.50 8.93 -12.74
CA GLY D 98 12.25 10.11 -11.95
C GLY D 98 10.87 10.70 -12.21
N THR D 99 10.51 11.69 -11.38
CA THR D 99 9.18 12.33 -11.46
C THR D 99 8.99 13.12 -12.75
N GLY D 100 10.06 13.52 -13.43
CA GLY D 100 9.86 14.19 -14.71
C GLY D 100 9.94 15.70 -14.61
N THR D 101 10.53 16.32 -15.61
CA THR D 101 10.68 17.77 -15.65
C THR D 101 10.18 18.26 -16.99
N LYS D 102 9.21 19.17 -16.97
CA LYS D 102 8.73 19.81 -18.18
C LYS D 102 9.66 20.97 -18.51
N VAL D 103 10.26 20.96 -19.69
CA VAL D 103 11.20 22.00 -20.09
C VAL D 103 10.55 22.82 -21.19
N THR D 104 10.23 24.08 -20.89
CA THR D 104 9.64 25.00 -21.86
C THR D 104 10.73 25.89 -22.43
N VAL D 105 10.78 25.97 -23.76
CA VAL D 105 11.69 26.87 -24.47
C VAL D 105 10.81 27.94 -25.14
N LEU D 106 10.91 29.17 -24.65
CA LEU D 106 10.07 30.28 -25.15
C LEU D 106 10.60 30.76 -26.48
N GLY D 107 10.16 30.10 -27.55
CA GLY D 107 10.63 30.33 -28.90
C GLY D 107 9.95 31.49 -29.60
N GLN D 108 8.74 31.83 -29.19
CA GLN D 108 7.91 32.90 -29.72
C GLN D 108 7.75 34.05 -28.75
N PRO D 109 7.25 35.19 -29.22
CA PRO D 109 6.79 36.25 -28.32
C PRO D 109 5.40 35.94 -27.76
N LYS D 110 5.14 36.52 -26.59
CA LYS D 110 3.87 36.31 -25.90
C LYS D 110 2.69 36.78 -26.76
N ALA D 111 1.64 35.96 -26.81
CA ALA D 111 0.41 36.26 -27.55
C ALA D 111 -0.78 35.96 -26.67
N ALA D 112 -1.67 36.94 -26.52
CA ALA D 112 -2.82 36.74 -25.65
C ALA D 112 -3.90 35.93 -26.37
N PRO D 113 -4.71 35.18 -25.60
CA PRO D 113 -5.69 34.30 -26.24
C PRO D 113 -6.89 35.05 -26.80
N SER D 114 -7.41 34.56 -27.92
CA SER D 114 -8.74 34.92 -28.39
C SER D 114 -9.75 33.95 -27.80
N VAL D 115 -10.88 34.47 -27.33
CA VAL D 115 -11.90 33.68 -26.66
C VAL D 115 -13.19 33.77 -27.46
N THR D 116 -13.77 32.63 -27.77
CA THR D 116 -15.04 32.55 -28.49
C THR D 116 -15.98 31.65 -27.71
N LEU D 117 -17.13 32.18 -27.32
CA LEU D 117 -18.05 31.48 -26.43
C LEU D 117 -19.34 31.16 -27.17
N PHE D 118 -19.62 29.85 -27.40
CA PHE D 118 -20.84 29.43 -28.06
C PHE D 118 -21.91 29.05 -27.06
N PRO D 119 -23.11 29.65 -27.15
CA PRO D 119 -24.23 29.18 -26.32
C PRO D 119 -24.77 27.86 -26.86
N PRO D 120 -25.65 27.18 -26.12
CA PRO D 120 -26.19 25.92 -26.61
C PRO D 120 -26.97 26.10 -27.90
N SER D 121 -26.72 25.21 -28.85
CA SER D 121 -27.50 25.23 -30.07
C SER D 121 -28.95 24.92 -29.73
N SER D 122 -29.86 25.44 -30.55
CA SER D 122 -31.26 25.10 -30.31
C SER D 122 -31.51 23.62 -30.56
N GLU D 123 -30.73 22.99 -31.44
CA GLU D 123 -30.92 21.56 -31.63
C GLU D 123 -30.56 20.79 -30.37
N GLU D 124 -29.52 21.22 -29.65
CA GLU D 124 -29.20 20.59 -28.38
C GLU D 124 -30.28 20.87 -27.34
N LEU D 125 -30.74 22.12 -27.24
CA LEU D 125 -31.84 22.41 -26.31
C LEU D 125 -33.12 21.67 -26.68
N GLN D 126 -33.36 21.40 -27.98
CA GLN D 126 -34.49 20.58 -28.37
C GLN D 126 -34.33 19.13 -27.90
N ALA D 127 -33.10 18.70 -27.61
CA ALA D 127 -32.85 17.39 -27.01
C ALA D 127 -32.76 17.46 -25.49
N ASN D 128 -33.26 18.54 -24.92
CA ASN D 128 -33.29 18.79 -23.47
C ASN D 128 -31.91 18.83 -22.83
N LYS D 129 -30.91 19.34 -23.54
CA LYS D 129 -29.53 19.21 -23.10
C LYS D 129 -28.91 20.57 -23.41
N ALA D 130 -27.83 20.93 -22.75
CA ALA D 130 -27.29 22.28 -22.94
C ALA D 130 -25.83 22.28 -22.51
N THR D 131 -24.97 22.65 -23.47
CA THR D 131 -23.54 22.76 -23.25
C THR D 131 -23.05 24.08 -23.81
N LEU D 132 -22.37 24.83 -22.97
CA LEU D 132 -21.59 25.99 -23.39
C LEU D 132 -20.21 25.54 -23.81
N VAL D 133 -19.75 26.08 -24.94
CA VAL D 133 -18.45 25.74 -25.48
C VAL D 133 -17.61 27.02 -25.54
N CYS D 134 -16.46 26.99 -24.90
CA CYS D 134 -15.55 28.11 -24.84
C CYS D 134 -14.24 27.74 -25.52
N LEU D 135 -13.95 28.40 -26.64
CA LEU D 135 -12.72 28.18 -27.39
C LEU D 135 -11.68 29.26 -27.10
N ILE D 136 -10.45 28.81 -26.87
CA ILE D 136 -9.31 29.65 -26.55
C ILE D 136 -8.25 29.38 -27.59
N SER D 137 -7.84 30.41 -28.31
CA SER D 137 -6.99 30.23 -29.48
C SER D 137 -5.83 31.24 -29.50
N ASP D 138 -4.76 30.85 -30.21
CA ASP D 138 -3.67 31.75 -30.63
C ASP D 138 -2.93 32.36 -29.45
N PHE D 139 -2.67 31.55 -28.43
CA PHE D 139 -1.94 32.05 -27.28
C PHE D 139 -0.59 31.36 -27.15
N TYR D 140 0.32 32.04 -26.48
CA TYR D 140 1.67 31.56 -26.23
C TYR D 140 2.23 32.33 -25.04
N PRO D 141 2.83 31.66 -24.04
CA PRO D 141 3.05 30.21 -23.95
C PRO D 141 1.77 29.39 -23.78
N GLY D 142 1.93 28.07 -23.81
CA GLY D 142 0.85 27.11 -23.85
C GLY D 142 0.08 26.89 -22.57
N ALA D 143 0.23 27.75 -21.57
CA ALA D 143 -0.46 27.60 -20.28
C ALA D 143 -1.67 28.53 -20.19
N VAL D 144 -2.81 28.01 -19.73
CA VAL D 144 -4.00 28.84 -19.58
C VAL D 144 -4.88 28.28 -18.47
N THR D 145 -5.66 29.16 -17.85
CA THR D 145 -6.59 28.80 -16.79
C THR D 145 -7.97 29.27 -17.18
N VAL D 146 -8.97 28.43 -16.93
CA VAL D 146 -10.35 28.74 -17.27
C VAL D 146 -11.19 28.73 -16.00
N ALA D 147 -12.01 29.76 -15.84
CA ALA D 147 -12.96 29.86 -14.75
C ALA D 147 -14.33 30.21 -15.34
N TRP D 148 -15.37 29.56 -14.86
CA TRP D 148 -16.72 29.84 -15.35
C TRP D 148 -17.50 30.62 -14.29
N LYS D 149 -18.35 31.53 -14.75
CA LYS D 149 -19.18 32.24 -13.82
C LYS D 149 -20.62 32.15 -14.28
N ALA D 150 -21.52 31.91 -13.33
CA ALA D 150 -22.96 31.96 -13.57
C ALA D 150 -23.41 33.27 -12.96
N ASP D 151 -23.79 34.22 -13.84
CA ASP D 151 -24.05 35.58 -13.40
C ASP D 151 -22.75 36.12 -12.81
N SER D 152 -22.71 36.22 -11.48
CA SER D 152 -21.51 36.62 -10.76
C SER D 152 -20.80 35.48 -10.02
N SER D 153 -21.42 34.30 -9.88
CA SER D 153 -20.85 33.30 -8.97
C SER D 153 -20.11 32.20 -9.71
N PRO D 154 -18.97 31.78 -9.12
CA PRO D 154 -18.12 30.80 -9.79
C PRO D 154 -18.87 29.49 -10.00
N VAL D 155 -18.66 28.89 -11.17
CA VAL D 155 -19.20 27.58 -11.49
C VAL D 155 -18.22 26.50 -11.04
N LYS D 156 -18.70 25.56 -10.25
CA LYS D 156 -17.85 24.48 -9.76
C LYS D 156 -18.34 23.09 -10.17
N ALA D 157 -19.29 22.99 -11.09
CA ALA D 157 -19.81 21.70 -11.52
C ALA D 157 -20.04 21.72 -13.03
N GLY D 158 -19.82 20.56 -13.65
CA GLY D 158 -20.07 20.41 -15.06
C GLY D 158 -19.00 20.97 -15.99
N VAL D 159 -17.81 21.31 -15.49
CA VAL D 159 -16.75 21.92 -16.31
C VAL D 159 -15.74 20.85 -16.71
N GLU D 160 -15.38 20.83 -17.99
CA GLU D 160 -14.26 20.06 -18.50
C GLU D 160 -13.44 20.96 -19.41
N THR D 161 -12.12 20.82 -19.33
CA THR D 161 -11.20 21.70 -20.02
C THR D 161 -10.09 20.87 -20.64
N THR D 162 -9.81 21.07 -21.92
CA THR D 162 -8.74 20.29 -22.52
C THR D 162 -7.39 20.90 -22.17
N THR D 163 -6.36 20.06 -22.26
CA THR D 163 -4.99 20.52 -22.19
C THR D 163 -4.68 21.31 -23.47
N PRO D 164 -3.96 22.42 -23.37
CA PRO D 164 -3.65 23.20 -24.57
C PRO D 164 -2.90 22.35 -25.59
N SER D 165 -3.09 22.66 -26.87
CA SER D 165 -2.46 21.89 -27.95
C SER D 165 -2.03 22.85 -29.07
N LYS D 166 -0.93 22.52 -29.76
CA LYS D 166 -0.40 23.42 -30.78
C LYS D 166 -1.35 23.54 -31.96
N GLN D 167 -1.59 24.78 -32.41
CA GLN D 167 -2.22 24.95 -33.72
C GLN D 167 -1.18 24.87 -34.84
N SER D 168 -1.63 25.06 -36.08
CA SER D 168 -0.69 24.92 -37.19
C SER D 168 0.20 26.15 -37.36
N ASN D 169 0.06 27.20 -36.54
CA ASN D 169 1.00 28.30 -36.52
C ASN D 169 1.90 28.28 -35.28
N ASN D 170 1.99 27.13 -34.60
CA ASN D 170 2.82 26.90 -33.40
C ASN D 170 2.36 27.72 -32.19
N LYS D 171 1.24 28.41 -32.29
CA LYS D 171 0.60 28.90 -31.08
C LYS D 171 -0.37 27.84 -30.55
N TYR D 172 -0.91 28.09 -29.37
CA TYR D 172 -1.69 27.09 -28.67
C TYR D 172 -3.18 27.40 -28.71
N ALA D 173 -3.97 26.34 -28.70
CA ALA D 173 -5.41 26.44 -28.55
C ALA D 173 -5.84 25.49 -27.44
N ALA D 174 -6.97 25.81 -26.82
CA ALA D 174 -7.57 25.01 -25.76
C ALA D 174 -9.09 25.19 -25.78
N SER D 175 -9.77 24.32 -25.05
CA SER D 175 -11.22 24.33 -25.04
C SER D 175 -11.74 24.01 -23.64
N SER D 176 -12.91 24.55 -23.31
CA SER D 176 -13.53 24.26 -22.04
C SER D 176 -15.03 24.16 -22.29
N TYR D 177 -15.70 23.21 -21.60
CA TYR D 177 -17.13 22.98 -21.78
C TYR D 177 -17.85 23.06 -20.44
N LEU D 178 -19.02 23.66 -20.44
CA LEU D 178 -19.89 23.71 -19.25
C LEU D 178 -21.21 23.03 -19.62
N SER D 179 -21.47 21.85 -19.04
CA SER D 179 -22.72 21.14 -19.28
C SER D 179 -23.75 21.51 -18.23
N LEU D 180 -24.93 21.90 -18.69
CA LEU D 180 -26.03 22.36 -17.83
C LEU D 180 -27.32 21.64 -18.20
N THR D 181 -28.27 21.77 -17.31
CA THR D 181 -29.62 21.46 -17.72
C THR D 181 -30.19 22.68 -18.45
N PRO D 182 -31.12 22.47 -19.38
CA PRO D 182 -31.77 23.63 -20.01
C PRO D 182 -32.39 24.55 -18.99
N GLU D 183 -32.92 23.98 -17.90
CA GLU D 183 -33.50 24.78 -16.82
C GLU D 183 -32.46 25.68 -16.19
N GLN D 184 -31.27 25.14 -15.91
CA GLN D 184 -30.21 25.92 -15.30
C GLN D 184 -29.71 27.01 -16.25
N TRP D 185 -29.59 26.70 -17.54
CA TRP D 185 -29.17 27.69 -18.51
C TRP D 185 -30.14 28.87 -18.56
N LYS D 186 -31.44 28.57 -18.64
CA LYS D 186 -32.51 29.55 -18.76
C LYS D 186 -32.84 30.23 -17.43
N SER D 187 -32.22 29.78 -16.34
CA SER D 187 -32.45 30.27 -15.01
C SER D 187 -31.37 31.23 -14.54
N HIS D 188 -30.50 31.69 -15.44
CA HIS D 188 -29.50 32.67 -15.09
C HIS D 188 -29.64 33.81 -16.06
N LYS D 189 -29.20 34.97 -15.62
CA LYS D 189 -29.26 36.09 -16.53
C LYS D 189 -28.12 36.00 -17.56
N SER D 190 -26.95 35.51 -17.14
CA SER D 190 -25.77 35.45 -17.99
C SER D 190 -24.82 34.36 -17.49
N TYR D 191 -24.05 33.80 -18.43
CA TYR D 191 -22.91 32.92 -18.17
C TYR D 191 -21.64 33.46 -18.79
N SER D 192 -20.50 33.33 -18.10
CA SER D 192 -19.25 33.88 -18.62
C SER D 192 -18.12 32.87 -18.56
N CYS D 193 -17.24 32.99 -19.55
CA CYS D 193 -15.99 32.23 -19.64
C CYS D 193 -14.85 33.21 -19.41
N GLN D 194 -14.05 32.95 -18.38
CA GLN D 194 -12.95 33.79 -17.96
C GLN D 194 -11.65 33.02 -18.16
N VAL D 195 -10.78 33.55 -19.02
CA VAL D 195 -9.57 32.87 -19.45
C VAL D 195 -8.38 33.66 -18.94
N THR D 196 -7.55 33.06 -18.08
CA THR D 196 -6.39 33.74 -17.51
C THR D 196 -5.13 33.19 -18.16
N HIS D 197 -4.37 34.08 -18.79
CA HIS D 197 -3.16 33.74 -19.51
C HIS D 197 -2.08 34.72 -19.10
N GLU D 198 -1.07 34.24 -18.38
CA GLU D 198 0.05 35.09 -17.95
C GLU D 198 -0.45 36.29 -17.15
N GLY D 199 -1.27 36.01 -16.14
CA GLY D 199 -1.75 37.03 -15.24
C GLY D 199 -2.79 37.97 -15.82
N SER D 200 -3.12 37.85 -17.10
CA SER D 200 -4.14 38.70 -17.71
C SER D 200 -5.37 37.86 -18.07
N THR D 201 -6.55 38.31 -17.63
CA THR D 201 -7.79 37.55 -17.81
C THR D 201 -8.63 38.16 -18.93
N VAL D 202 -8.99 37.34 -19.91
CA VAL D 202 -9.92 37.70 -20.96
C VAL D 202 -11.24 37.04 -20.65
N GLU D 203 -12.33 37.76 -20.87
CA GLU D 203 -13.65 37.24 -20.53
C GLU D 203 -14.63 37.45 -21.69
N LYS D 204 -15.48 36.46 -21.91
CA LYS D 204 -16.63 36.50 -22.82
C LYS D 204 -17.87 36.03 -22.08
N THR D 205 -19.02 36.53 -22.54
CA THR D 205 -20.29 36.33 -21.87
C THR D 205 -21.40 36.09 -22.87
N VAL D 206 -22.30 35.17 -22.53
CA VAL D 206 -23.51 34.89 -23.29
C VAL D 206 -24.68 34.80 -22.32
N ALA D 207 -25.88 34.90 -22.88
CA ALA D 207 -27.12 34.98 -22.12
C ALA D 207 -28.17 34.14 -22.85
N PRO D 208 -29.10 33.54 -22.14
CA PRO D 208 -30.21 32.85 -22.84
C PRO D 208 -31.08 33.79 -23.65
N THR D 209 -31.08 35.07 -23.30
CA THR D 209 -31.94 36.06 -23.93
C THR D 209 -31.31 36.76 -25.14
N GLU D 210 -30.24 36.20 -25.72
CA GLU D 210 -29.57 36.75 -26.90
C GLU D 210 -29.65 35.72 -28.03
N VAL E 2 10.78 -29.69 23.97
CA VAL E 2 9.85 -28.98 23.13
C VAL E 2 10.64 -28.60 21.89
N GLN E 3 10.19 -29.03 20.72
CA GLN E 3 10.83 -28.76 19.47
C GLN E 3 9.86 -28.51 18.32
N LEU E 4 10.17 -27.57 17.45
CA LEU E 4 9.38 -27.28 16.25
C LEU E 4 10.32 -27.52 15.08
N VAL E 5 9.89 -28.31 14.09
CA VAL E 5 10.75 -28.59 12.92
C VAL E 5 10.01 -28.24 11.63
N GLU E 6 10.57 -27.32 10.86
CA GLU E 6 9.93 -26.95 9.61
C GLU E 6 10.33 -27.95 8.53
N SER E 7 9.58 -27.93 7.44
CA SER E 7 9.90 -28.78 6.31
C SER E 7 11.05 -28.17 5.52
N GLY E 8 11.54 -28.93 4.51
CA GLY E 8 12.69 -28.55 3.71
C GLY E 8 12.55 -27.33 2.81
N ALA E 9 13.72 -26.89 2.33
CA ALA E 9 13.86 -25.71 1.48
C ALA E 9 13.07 -25.85 0.19
N GLU E 10 12.52 -24.73 -0.28
CA GLU E 10 11.64 -24.73 -1.43
C GLU E 10 12.13 -23.72 -2.46
N VAL E 11 11.96 -24.08 -3.74
CA VAL E 11 12.33 -23.25 -4.87
C VAL E 11 11.11 -23.12 -5.76
N LYS E 12 10.62 -21.88 -5.94
CA LYS E 12 9.37 -21.63 -6.63
C LYS E 12 9.49 -20.50 -7.65
N LYS E 13 8.64 -20.59 -8.72
CA LYS E 13 8.54 -19.47 -9.67
C LYS E 13 7.54 -18.45 -9.16
N PRO E 14 7.73 -17.19 -9.51
CA PRO E 14 6.72 -16.18 -9.14
C PRO E 14 5.36 -16.62 -9.63
N GLY E 15 4.33 -16.31 -8.82
CA GLY E 15 2.98 -16.72 -9.12
C GLY E 15 2.60 -18.11 -8.63
N ALA E 16 3.57 -18.95 -8.25
CA ALA E 16 3.29 -20.26 -7.68
C ALA E 16 2.84 -20.12 -6.23
N SER E 17 2.55 -21.27 -5.61
CA SER E 17 2.23 -21.41 -4.20
C SER E 17 3.22 -22.34 -3.53
N VAL E 18 3.33 -22.17 -2.22
CA VAL E 18 4.19 -23.01 -1.38
C VAL E 18 3.40 -23.36 -0.12
N LYS E 19 3.55 -24.58 0.36
CA LYS E 19 2.94 -25.03 1.61
C LYS E 19 4.08 -25.51 2.50
N VAL E 20 4.34 -24.80 3.57
CA VAL E 20 5.38 -25.18 4.51
C VAL E 20 4.72 -25.84 5.71
N SER E 21 5.35 -26.88 6.25
CA SER E 21 4.83 -27.55 7.43
C SER E 21 5.75 -27.35 8.63
N CYS E 22 5.17 -27.53 9.79
CA CYS E 22 5.88 -27.40 11.04
C CYS E 22 5.45 -28.56 11.93
N LYS E 23 6.37 -29.45 12.24
CA LYS E 23 6.10 -30.62 13.06
C LYS E 23 6.47 -30.29 14.49
N ALA E 24 5.50 -30.36 15.38
CA ALA E 24 5.69 -30.02 16.79
C ALA E 24 5.82 -31.29 17.62
N SER E 25 6.68 -31.24 18.62
CA SER E 25 6.84 -32.40 19.50
C SER E 25 7.22 -31.94 20.90
N GLY E 26 6.94 -32.80 21.87
CA GLY E 26 7.34 -32.55 23.25
C GLY E 26 6.37 -31.79 24.12
N TYR E 27 5.13 -31.60 23.67
CA TYR E 27 4.11 -30.90 24.46
C TYR E 27 2.76 -31.29 23.88
N THR E 28 1.70 -30.87 24.55
CA THR E 28 0.34 -31.14 24.09
C THR E 28 0.04 -30.14 22.97
N PHE E 29 0.15 -30.61 21.71
CA PHE E 29 0.00 -29.76 20.55
C PHE E 29 -1.23 -28.89 20.62
N THR E 30 -2.31 -29.49 21.08
CA THR E 30 -3.64 -28.91 21.01
C THR E 30 -3.85 -27.77 22.00
N ASN E 31 -2.90 -27.48 22.89
CA ASN E 31 -3.05 -26.41 23.89
C ASN E 31 -2.40 -25.09 23.50
N TYR E 32 -1.77 -24.99 22.34
CA TYR E 32 -1.03 -23.78 22.02
C TYR E 32 -1.31 -23.37 20.58
N ALA E 33 -1.07 -22.10 20.31
CA ALA E 33 -1.08 -21.58 18.97
C ALA E 33 0.32 -21.68 18.37
N ILE E 34 0.37 -21.84 17.05
CA ILE E 34 1.63 -21.83 16.29
C ILE E 34 1.64 -20.57 15.42
N HIS E 35 2.75 -19.84 15.44
CA HIS E 35 2.98 -18.64 14.63
C HIS E 35 3.79 -18.98 13.38
N TRP E 36 3.63 -18.16 12.35
CA TRP E 36 4.55 -18.16 11.22
C TRP E 36 5.17 -16.78 11.10
N VAL E 37 6.49 -16.76 11.07
CA VAL E 37 7.23 -15.51 11.05
C VAL E 37 8.24 -15.65 9.94
N ARG E 38 8.44 -14.60 9.17
CA ARG E 38 9.39 -14.68 8.08
C ARG E 38 10.45 -13.60 8.24
N GLN E 39 11.59 -13.85 7.60
CA GLN E 39 12.73 -12.94 7.66
C GLN E 39 13.40 -12.95 6.30
N ALA E 40 13.26 -11.85 5.56
CA ALA E 40 13.97 -11.71 4.30
C ALA E 40 15.47 -11.51 4.59
N PRO E 41 16.36 -11.84 3.63
CA PRO E 41 17.80 -11.72 3.88
C PRO E 41 18.18 -10.33 4.37
N GLY E 42 18.73 -10.24 5.58
CA GLY E 42 19.17 -8.98 6.11
C GLY E 42 18.11 -8.08 6.67
N GLN E 43 16.87 -8.56 6.85
CA GLN E 43 15.76 -7.72 7.30
C GLN E 43 15.24 -8.19 8.65
N ARG E 44 14.28 -7.43 9.18
CA ARG E 44 13.67 -7.73 10.46
C ARG E 44 12.78 -8.98 10.34
N LEU E 45 12.49 -9.57 11.50
CA LEU E 45 11.46 -10.59 11.58
C LEU E 45 10.11 -9.95 11.27
N GLU E 46 9.25 -10.71 10.58
CA GLU E 46 7.94 -10.24 10.14
C GLU E 46 6.87 -11.27 10.48
N TRP E 47 5.93 -10.90 11.35
CA TRP E 47 4.84 -11.81 11.71
C TRP E 47 3.87 -12.00 10.55
N MET E 48 3.47 -13.25 10.33
CA MET E 48 2.49 -13.58 9.29
C MET E 48 1.11 -13.97 9.84
N GLY E 49 1.06 -14.70 10.93
CA GLY E 49 -0.21 -15.14 11.44
C GLY E 49 0.01 -16.28 12.40
N TRP E 50 -1.09 -16.72 13.01
CA TRP E 50 -1.05 -17.86 13.90
C TRP E 50 -2.32 -18.66 13.76
N ILE E 51 -2.24 -19.93 14.20
CA ILE E 51 -3.41 -20.78 14.33
C ILE E 51 -3.43 -21.39 15.74
N ASN E 52 -4.61 -21.40 16.36
CA ASN E 52 -4.83 -22.11 17.61
C ASN E 52 -5.00 -23.60 17.31
N ALA E 53 -4.00 -24.41 17.68
CA ALA E 53 -3.99 -25.81 17.28
C ALA E 53 -5.15 -26.61 17.84
N GLY E 54 -5.82 -26.12 18.90
CA GLY E 54 -7.01 -26.79 19.39
C GLY E 54 -8.27 -26.43 18.61
N ARG E 55 -8.79 -25.20 18.80
CA ARG E 55 -10.00 -24.78 18.10
C ARG E 55 -9.79 -24.68 16.59
N GLY E 56 -8.59 -24.30 16.13
CA GLY E 56 -8.36 -24.15 14.71
C GLY E 56 -8.59 -22.74 14.16
N ASN E 57 -9.01 -21.80 14.99
CA ASN E 57 -9.14 -20.42 14.54
C ASN E 57 -7.76 -19.82 14.31
N THR E 58 -7.73 -18.75 13.53
CA THR E 58 -6.50 -18.14 13.08
C THR E 58 -6.59 -16.63 13.24
N LYS E 59 -5.43 -16.00 13.12
CA LYS E 59 -5.33 -14.56 12.91
C LYS E 59 -4.18 -14.34 11.92
N TYR E 60 -4.38 -13.42 10.96
CA TYR E 60 -3.40 -13.13 9.90
C TYR E 60 -2.97 -11.67 9.90
N SER E 61 -1.69 -11.43 9.61
CA SER E 61 -1.26 -10.07 9.31
C SER E 61 -2.05 -9.54 8.13
N GLN E 62 -2.55 -8.32 8.24
CA GLN E 62 -3.29 -7.79 7.12
C GLN E 62 -2.37 -7.32 6.00
N LYS E 63 -1.07 -7.21 6.28
CA LYS E 63 -0.06 -6.89 5.26
C LYS E 63 -0.05 -7.91 4.14
N PHE E 64 -0.46 -9.14 4.39
CA PHE E 64 -0.34 -10.14 3.35
C PHE E 64 -1.60 -10.26 2.52
N GLN E 65 -2.67 -9.54 2.89
CA GLN E 65 -3.81 -9.28 2.00
C GLN E 65 -4.46 -10.57 1.51
N GLY E 66 -4.66 -11.52 2.42
CA GLY E 66 -5.26 -12.81 2.07
C GLY E 66 -4.47 -13.70 1.13
N ARG E 67 -3.14 -13.68 1.21
CA ARG E 67 -2.31 -14.66 0.50
C ARG E 67 -1.89 -15.81 1.39
N VAL E 68 -2.13 -15.70 2.71
CA VAL E 68 -1.70 -16.65 3.73
C VAL E 68 -2.88 -17.49 4.16
N THR E 69 -2.67 -18.79 4.21
CA THR E 69 -3.63 -19.70 4.81
C THR E 69 -2.85 -20.58 5.79
N ILE E 70 -3.27 -20.59 7.05
CA ILE E 70 -2.65 -21.45 8.06
C ILE E 70 -3.67 -22.51 8.47
N THR E 71 -3.22 -23.77 8.46
CA THR E 71 -4.05 -24.89 8.88
C THR E 71 -3.24 -25.75 9.84
N ARG E 72 -3.89 -26.74 10.45
CA ARG E 72 -3.17 -27.66 11.30
C ARG E 72 -3.85 -29.02 11.23
N ASP E 73 -3.08 -30.05 11.52
CA ASP E 73 -3.53 -31.44 11.62
C ASP E 73 -3.18 -31.90 13.03
N THR E 74 -4.20 -32.07 13.88
CA THR E 74 -3.94 -32.27 15.32
C THR E 74 -3.28 -33.62 15.61
N SER E 75 -3.77 -34.70 15.01
CA SER E 75 -3.17 -36.00 15.30
C SER E 75 -1.76 -36.11 14.77
N ALA E 76 -1.44 -35.36 13.74
CA ALA E 76 -0.08 -35.29 13.21
C ALA E 76 0.79 -34.28 13.95
N SER E 77 0.23 -33.48 14.86
CA SER E 77 0.96 -32.39 15.52
C SER E 77 1.70 -31.52 14.53
N THR E 78 1.03 -31.13 13.46
CA THR E 78 1.66 -30.36 12.39
C THR E 78 0.80 -29.16 12.04
N ALA E 79 1.44 -27.99 11.99
CA ALA E 79 0.81 -26.81 11.41
C ALA E 79 1.33 -26.62 9.99
N TYR E 80 0.53 -25.98 9.15
CA TYR E 80 0.91 -25.74 7.76
C TYR E 80 0.77 -24.28 7.42
N MET E 81 1.67 -23.77 6.59
CA MET E 81 1.42 -22.43 6.09
C MET E 81 1.49 -22.43 4.58
N GLU E 82 0.42 -21.93 3.94
CA GLU E 82 0.35 -21.83 2.49
C GLU E 82 0.37 -20.36 2.08
N LEU E 83 1.40 -19.99 1.31
CA LEU E 83 1.53 -18.65 0.76
C LEU E 83 1.34 -18.79 -0.75
N SER E 84 0.33 -18.13 -1.28
CA SER E 84 -0.01 -18.23 -2.69
C SER E 84 0.38 -16.94 -3.38
N SER E 85 0.41 -17.00 -4.72
CA SER E 85 0.83 -15.89 -5.58
C SER E 85 2.19 -15.34 -5.13
N LEU E 86 3.18 -16.24 -5.12
CA LEU E 86 4.49 -15.83 -4.64
C LEU E 86 5.07 -14.76 -5.54
N ARG E 87 5.75 -13.79 -4.95
CA ARG E 87 6.59 -12.87 -5.68
C ARG E 87 7.94 -12.74 -4.96
N SER E 88 8.89 -12.08 -5.62
CA SER E 88 10.28 -12.15 -5.17
C SER E 88 10.44 -11.69 -3.73
N GLU E 89 9.63 -10.75 -3.28
CA GLU E 89 9.66 -10.26 -1.90
C GLU E 89 9.28 -11.34 -0.90
N ASP E 90 8.69 -12.44 -1.36
CA ASP E 90 8.43 -13.57 -0.49
C ASP E 90 9.65 -14.49 -0.33
N ALA E 91 10.75 -14.25 -1.03
CA ALA E 91 11.96 -15.05 -0.80
C ALA E 91 12.51 -14.73 0.59
N ALA E 92 12.54 -15.71 1.48
CA ALA E 92 12.84 -15.45 2.89
C ALA E 92 13.10 -16.75 3.61
N VAL E 93 13.53 -16.62 4.86
CA VAL E 93 13.51 -17.69 5.83
C VAL E 93 12.16 -17.65 6.53
N TYR E 94 11.51 -18.80 6.65
CA TYR E 94 10.21 -18.92 7.30
C TYR E 94 10.38 -19.74 8.58
N PHE E 95 10.04 -19.13 9.72
CA PHE E 95 10.07 -19.79 11.02
C PHE E 95 8.65 -20.12 11.46
N CYS E 96 8.46 -21.29 12.05
CA CYS E 96 7.32 -21.47 12.93
C CYS E 96 7.77 -21.26 14.37
N ALA E 97 6.85 -20.75 15.18
CA ALA E 97 7.13 -20.47 16.58
C ALA E 97 5.89 -20.77 17.41
N ARG E 98 6.09 -21.31 18.60
CA ARG E 98 4.97 -21.60 19.47
C ARG E 98 4.63 -20.38 20.30
N ASP E 99 3.34 -20.10 20.40
CA ASP E 99 2.88 -19.00 21.22
C ASP E 99 2.98 -19.36 22.70
N GLU E 100 2.98 -18.32 23.51
CA GLU E 100 2.92 -18.51 24.95
C GLU E 100 1.67 -19.28 25.35
N SER E 101 0.54 -18.99 24.73
CA SER E 101 -0.66 -19.81 24.90
C SER E 101 -1.40 -19.95 23.57
N THR E 102 -2.59 -19.37 23.46
CA THR E 102 -3.39 -19.54 22.26
C THR E 102 -3.51 -18.27 21.43
N GLY E 103 -2.52 -17.36 21.54
CA GLY E 103 -2.47 -16.17 20.72
C GLY E 103 -3.32 -15.04 21.24
N ASP E 104 -3.84 -15.17 22.46
CA ASP E 104 -4.82 -14.22 22.95
C ASP E 104 -4.63 -13.77 24.39
N TYR E 105 -3.43 -13.87 24.95
CA TYR E 105 -3.22 -13.40 26.31
C TYR E 105 -1.95 -12.57 26.49
N TYR E 106 -0.81 -13.23 26.77
CA TYR E 106 0.45 -12.50 26.98
C TYR E 106 1.14 -12.02 25.70
N TYR E 107 0.79 -12.59 24.53
CA TYR E 107 1.35 -12.15 23.24
C TYR E 107 2.89 -12.20 23.06
N TYR E 108 3.45 -13.38 23.28
CA TYR E 108 4.88 -13.56 23.05
C TYR E 108 5.05 -15.00 22.61
N MET E 109 6.18 -15.27 21.96
CA MET E 109 6.49 -16.60 21.45
C MET E 109 7.60 -17.19 22.27
N ASP E 110 7.41 -18.42 22.76
CA ASP E 110 8.44 -19.02 23.59
C ASP E 110 9.35 -20.04 22.93
N VAL E 111 8.96 -20.70 21.85
CA VAL E 111 9.83 -21.66 21.17
C VAL E 111 9.81 -21.36 19.68
N TRP E 112 10.99 -21.31 19.07
CA TRP E 112 11.13 -21.10 17.64
C TRP E 112 11.64 -22.38 17.00
N GLY E 113 11.24 -22.59 15.74
CA GLY E 113 11.80 -23.68 14.97
C GLY E 113 13.16 -23.32 14.38
N LYS E 114 13.70 -24.28 13.59
CA LYS E 114 14.99 -24.08 12.89
C LYS E 114 14.88 -23.06 11.75
N GLY E 115 13.70 -22.90 11.15
CA GLY E 115 13.60 -22.09 9.94
C GLY E 115 13.80 -22.89 8.67
N THR E 116 13.11 -22.47 7.61
CA THR E 116 13.28 -23.07 6.30
C THR E 116 13.29 -21.94 5.27
N THR E 117 13.99 -22.14 4.18
CA THR E 117 14.08 -21.09 3.18
C THR E 117 13.12 -21.37 2.03
N VAL E 118 12.49 -20.31 1.54
CA VAL E 118 11.75 -20.37 0.29
C VAL E 118 12.44 -19.42 -0.69
N THR E 119 12.88 -19.96 -1.82
CA THR E 119 13.43 -19.17 -2.91
C THR E 119 12.33 -18.90 -3.91
N VAL E 120 12.15 -17.64 -4.28
CA VAL E 120 11.20 -17.26 -5.32
C VAL E 120 11.97 -16.57 -6.43
N SER E 121 11.94 -17.18 -7.61
CA SER E 121 12.78 -16.70 -8.70
C SER E 121 12.25 -17.23 -10.02
N SER E 122 12.42 -16.41 -11.05
CA SER E 122 12.13 -16.87 -12.41
C SER E 122 13.29 -17.64 -13.04
N ALA E 123 14.43 -17.76 -12.37
CA ALA E 123 15.54 -18.52 -12.96
C ALA E 123 15.24 -20.00 -13.05
N SER E 124 15.88 -20.64 -14.02
CA SER E 124 15.80 -22.08 -14.14
C SER E 124 17.09 -22.72 -13.63
N THR E 125 16.99 -24.00 -13.28
CA THR E 125 18.14 -24.73 -12.81
C THR E 125 19.27 -24.57 -13.82
N LYS E 126 20.46 -24.27 -13.29
CA LYS E 126 21.66 -24.10 -14.11
C LYS E 126 22.87 -24.57 -13.30
N GLY E 127 23.68 -25.41 -13.91
CA GLY E 127 24.90 -25.85 -13.25
C GLY E 127 25.99 -24.80 -13.29
N PRO E 128 26.89 -24.82 -12.33
CA PRO E 128 27.94 -23.79 -12.30
C PRO E 128 29.11 -24.12 -13.22
N SER E 129 29.85 -23.05 -13.57
CA SER E 129 31.20 -23.16 -14.08
C SER E 129 32.17 -23.00 -12.93
N VAL E 130 33.21 -23.82 -12.91
CA VAL E 130 34.18 -23.82 -11.82
C VAL E 130 35.52 -23.40 -12.37
N PHE E 131 36.11 -22.35 -11.79
CA PHE E 131 37.37 -21.86 -12.26
C PHE E 131 38.37 -21.83 -11.11
N PRO E 132 39.63 -22.15 -11.37
CA PRO E 132 40.63 -22.12 -10.29
C PRO E 132 41.03 -20.68 -10.00
N LEU E 133 41.29 -20.40 -8.73
CA LEU E 133 41.90 -19.12 -8.36
C LEU E 133 43.35 -19.44 -8.00
N ALA E 134 44.26 -19.26 -8.98
CA ALA E 134 45.64 -19.71 -8.83
C ALA E 134 46.37 -18.86 -7.78
N PRO E 135 47.22 -19.48 -6.97
CA PRO E 135 47.93 -18.74 -5.92
C PRO E 135 48.98 -17.78 -6.48
N SER E 136 49.24 -16.74 -5.68
CA SER E 136 50.16 -15.62 -6.03
C SER E 136 49.76 -14.97 -7.34
N ALA E 145 50.43 -18.44 1.26
CA ALA E 145 49.74 -18.37 -0.04
C ALA E 145 48.25 -18.74 0.02
N ALA E 146 47.44 -18.06 -0.79
CA ALA E 146 46.00 -18.31 -0.89
C ALA E 146 45.68 -18.79 -2.30
N LEU E 147 44.81 -19.81 -2.38
CA LEU E 147 44.32 -20.33 -3.66
C LEU E 147 42.86 -20.72 -3.48
N GLY E 148 42.15 -20.91 -4.59
CA GLY E 148 40.75 -21.22 -4.41
C GLY E 148 40.04 -21.65 -5.68
N CYS E 149 38.71 -21.72 -5.56
CA CYS E 149 37.76 -22.09 -6.60
C CYS E 149 36.67 -21.05 -6.70
N LEU E 150 36.35 -20.65 -7.92
CA LEU E 150 35.27 -19.73 -8.21
C LEU E 150 34.14 -20.56 -8.82
N VAL E 151 32.99 -20.56 -8.17
CA VAL E 151 31.83 -21.35 -8.61
C VAL E 151 30.81 -20.36 -9.12
N LYS E 152 30.70 -20.24 -10.43
CA LYS E 152 30.04 -19.10 -11.04
C LYS E 152 28.76 -19.51 -11.77
N ASP E 153 27.68 -18.73 -11.57
CA ASP E 153 26.45 -18.73 -12.35
C ASP E 153 25.71 -20.07 -12.30
N TYR E 154 25.19 -20.37 -11.10
CA TYR E 154 24.35 -21.55 -10.90
C TYR E 154 23.02 -21.15 -10.27
N PHE E 155 22.07 -22.07 -10.35
CA PHE E 155 20.76 -21.89 -9.72
C PHE E 155 20.12 -23.25 -9.54
N PRO E 156 19.44 -23.50 -8.41
CA PRO E 156 19.38 -22.68 -7.20
C PRO E 156 20.48 -23.07 -6.19
N GLU E 157 20.41 -22.48 -5.00
CA GLU E 157 21.25 -22.92 -3.89
C GLU E 157 20.88 -24.36 -3.51
N PRO E 158 21.82 -25.11 -2.94
CA PRO E 158 23.20 -24.72 -2.62
C PRO E 158 24.27 -25.46 -3.41
N VAL E 159 25.49 -24.96 -3.28
CA VAL E 159 26.68 -25.68 -3.72
C VAL E 159 27.46 -26.13 -2.49
N THR E 160 28.07 -27.30 -2.57
CA THR E 160 29.01 -27.75 -1.54
C THR E 160 30.41 -27.83 -2.13
N VAL E 161 31.41 -27.46 -1.33
CA VAL E 161 32.81 -27.46 -1.75
C VAL E 161 33.65 -28.18 -0.71
N SER E 162 34.34 -29.23 -1.14
CA SER E 162 35.37 -29.85 -0.34
C SER E 162 36.69 -29.67 -1.07
N TRP E 163 37.78 -29.92 -0.35
CA TRP E 163 39.13 -29.83 -0.89
C TRP E 163 39.85 -31.14 -0.69
N ASN E 164 40.46 -31.65 -1.75
CA ASN E 164 41.11 -32.96 -1.73
C ASN E 164 40.19 -34.01 -1.12
N SER E 165 38.95 -34.01 -1.61
CA SER E 165 37.93 -34.96 -1.18
C SER E 165 37.78 -35.03 0.33
N GLY E 166 37.84 -33.86 0.99
CA GLY E 166 37.69 -33.78 2.43
C GLY E 166 38.97 -33.96 3.24
N ALA E 167 40.08 -34.31 2.58
CA ALA E 167 41.38 -34.48 3.27
C ALA E 167 41.93 -33.14 3.76
N LEU E 168 41.72 -32.06 3.01
CA LEU E 168 42.20 -30.73 3.39
C LEU E 168 41.02 -29.95 3.98
N THR E 169 41.09 -29.70 5.26
CA THR E 169 40.09 -28.88 5.93
C THR E 169 40.68 -27.67 6.63
N SER E 170 41.91 -27.75 7.10
CA SER E 170 42.53 -26.62 7.79
C SER E 170 42.80 -25.47 6.82
N GLY E 171 42.52 -24.25 7.27
CA GLY E 171 42.73 -23.10 6.42
C GLY E 171 41.70 -22.91 5.32
N VAL E 172 40.61 -23.71 5.31
CA VAL E 172 39.56 -23.64 4.29
C VAL E 172 38.48 -22.65 4.71
N HIS E 173 38.11 -21.75 3.80
CA HIS E 173 36.99 -20.86 4.01
C HIS E 173 36.11 -20.84 2.76
N THR E 174 34.92 -21.39 2.86
CA THR E 174 33.94 -21.33 1.78
C THR E 174 33.01 -20.16 2.06
N PHE E 175 32.96 -19.21 1.13
CA PHE E 175 32.18 -17.99 1.34
C PHE E 175 30.69 -18.25 1.09
N PRO E 176 29.81 -17.48 1.71
CA PRO E 176 28.39 -17.56 1.34
C PRO E 176 28.16 -17.03 -0.08
N ALA E 177 27.14 -17.55 -0.75
CA ALA E 177 26.89 -17.18 -2.13
C ALA E 177 26.38 -15.74 -2.23
N VAL E 178 26.67 -15.11 -3.37
CA VAL E 178 26.06 -13.83 -3.76
C VAL E 178 25.02 -14.15 -4.81
N LEU E 179 23.96 -13.39 -4.81
CA LEU E 179 22.90 -13.48 -5.80
C LEU E 179 23.06 -12.29 -6.74
N GLN E 180 23.38 -12.57 -8.00
CA GLN E 180 23.63 -11.51 -8.94
C GLN E 180 22.32 -10.98 -9.55
N SER E 181 22.41 -9.80 -10.18
CA SER E 181 21.27 -9.20 -10.85
C SER E 181 20.65 -10.14 -11.88
N SER E 182 21.47 -11.00 -12.47
CA SER E 182 20.99 -11.93 -13.47
C SER E 182 20.05 -12.99 -12.89
N GLY E 183 19.95 -13.10 -11.56
CA GLY E 183 19.23 -14.17 -10.90
C GLY E 183 20.05 -15.41 -10.56
N LEU E 184 21.32 -15.49 -10.98
CA LEU E 184 22.16 -16.66 -10.76
C LEU E 184 23.12 -16.43 -9.60
N TYR E 185 23.46 -17.51 -8.91
CA TYR E 185 24.34 -17.38 -7.77
C TYR E 185 25.81 -17.56 -8.16
N SER E 186 26.68 -17.16 -7.24
CA SER E 186 28.09 -17.34 -7.43
C SER E 186 28.74 -17.41 -6.05
N LEU E 187 29.73 -18.29 -5.88
CA LEU E 187 30.49 -18.32 -4.65
C LEU E 187 31.95 -18.71 -4.91
N SER E 188 32.77 -18.58 -3.87
CA SER E 188 34.14 -18.99 -3.97
C SER E 188 34.56 -19.68 -2.66
N SER E 189 35.52 -20.56 -2.79
CA SER E 189 36.15 -21.24 -1.68
C SER E 189 37.65 -20.98 -1.75
N VAL E 190 38.28 -20.74 -0.61
CA VAL E 190 39.70 -20.45 -0.64
C VAL E 190 40.41 -21.26 0.46
N VAL E 191 41.68 -21.57 0.20
CA VAL E 191 42.54 -22.30 1.13
C VAL E 191 43.78 -21.46 1.32
N THR E 192 44.16 -21.22 2.58
CA THR E 192 45.48 -20.67 2.86
C THR E 192 46.45 -21.83 3.11
N VAL E 193 47.52 -21.90 2.32
CA VAL E 193 48.50 -22.99 2.40
C VAL E 193 49.89 -22.39 2.51
N PRO E 194 50.87 -23.19 2.93
CA PRO E 194 52.26 -22.71 2.95
C PRO E 194 52.83 -22.60 1.56
N SER E 195 53.58 -21.52 1.32
CA SER E 195 54.21 -21.35 0.01
C SER E 195 55.06 -22.56 -0.35
N SER E 196 55.60 -23.25 0.67
CA SER E 196 56.35 -24.50 0.50
C SER E 196 55.55 -25.57 -0.24
N SER E 197 54.28 -25.73 0.13
CA SER E 197 53.42 -26.77 -0.42
C SER E 197 53.24 -26.64 -1.93
N LEU E 198 53.30 -25.42 -2.46
CA LEU E 198 53.08 -25.22 -3.90
C LEU E 198 54.10 -26.05 -4.67
N GLY E 199 53.66 -26.58 -5.80
CA GLY E 199 54.51 -27.42 -6.63
C GLY E 199 54.84 -28.79 -6.07
N THR E 200 54.38 -29.12 -4.84
CA THR E 200 54.49 -30.50 -4.32
C THR E 200 53.12 -31.03 -3.89
N GLN E 201 52.32 -30.22 -3.18
CA GLN E 201 50.91 -30.57 -2.90
C GLN E 201 50.02 -30.22 -4.07
N THR E 202 49.25 -31.20 -4.50
CA THR E 202 48.22 -30.97 -5.49
C THR E 202 46.95 -30.61 -4.72
N TYR E 203 46.32 -29.54 -5.16
CA TYR E 203 45.13 -28.99 -4.53
C TYR E 203 43.97 -29.12 -5.50
N ILE E 204 42.94 -29.85 -5.07
CA ILE E 204 41.78 -30.11 -5.88
C ILE E 204 40.55 -29.71 -5.08
N CYS E 205 39.77 -28.79 -5.62
CA CYS E 205 38.48 -28.51 -5.03
C CYS E 205 37.43 -29.37 -5.72
N ASN E 206 36.50 -29.89 -4.93
CA ASN E 206 35.42 -30.74 -5.40
C ASN E 206 34.15 -29.93 -5.23
N VAL E 207 33.46 -29.69 -6.33
CA VAL E 207 32.24 -28.90 -6.34
C VAL E 207 31.06 -29.80 -6.66
N ASN E 208 30.04 -29.74 -5.82
CA ASN E 208 28.85 -30.51 -6.03
C ASN E 208 27.65 -29.57 -6.04
N HIS E 209 26.87 -29.60 -7.12
CA HIS E 209 25.62 -28.83 -7.25
C HIS E 209 24.63 -29.93 -7.55
N LYS E 210 23.99 -30.40 -6.52
CA LYS E 210 23.09 -31.53 -6.70
C LYS E 210 21.85 -31.23 -7.55
N PRO E 211 21.29 -30.01 -7.53
CA PRO E 211 20.10 -29.75 -8.37
C PRO E 211 20.37 -29.91 -9.84
N SER E 212 21.58 -29.65 -10.31
CA SER E 212 21.85 -29.89 -11.71
C SER E 212 22.67 -31.15 -11.91
N ASN E 213 22.92 -31.90 -10.84
CA ASN E 213 23.74 -33.11 -10.89
C ASN E 213 25.13 -32.82 -11.48
N THR E 214 25.75 -31.76 -10.98
CA THR E 214 27.05 -31.31 -11.46
C THR E 214 28.10 -31.60 -10.40
N LYS E 215 29.11 -32.37 -10.77
CA LYS E 215 30.24 -32.67 -9.91
C LYS E 215 31.47 -32.27 -10.69
N VAL E 216 32.30 -31.43 -10.11
CA VAL E 216 33.50 -30.97 -10.78
C VAL E 216 34.64 -31.04 -9.79
N ASP E 217 35.79 -31.52 -10.28
CA ASP E 217 37.02 -31.52 -9.52
C ASP E 217 37.97 -30.64 -10.30
N LYS E 218 38.56 -29.66 -9.65
CA LYS E 218 39.41 -28.72 -10.36
C LYS E 218 40.78 -28.65 -9.69
N LYS E 219 41.82 -28.91 -10.47
CA LYS E 219 43.17 -28.79 -9.98
C LYS E 219 43.53 -27.31 -9.96
N VAL E 220 44.04 -26.81 -8.85
CA VAL E 220 44.41 -25.41 -8.70
C VAL E 220 45.93 -25.37 -8.59
N GLU E 221 46.60 -24.95 -9.67
CA GLU E 221 48.05 -24.89 -9.84
C GLU E 221 48.53 -23.43 -9.92
N PRO E 222 49.79 -23.16 -9.54
CA PRO E 222 50.38 -21.80 -9.51
C PRO E 222 50.47 -21.02 -10.84
N SER F 1 0.42 0.16 9.80
CA SER F 1 0.04 -0.40 11.08
C SER F 1 0.91 0.14 12.21
N TYR F 2 0.77 -0.50 13.35
CA TYR F 2 1.58 -0.21 14.52
C TYR F 2 3.08 -0.36 14.25
N GLU F 3 3.86 0.60 14.73
CA GLU F 3 5.27 0.59 14.42
C GLU F 3 6.09 0.59 15.71
N LEU F 4 7.12 -0.25 15.79
CA LEU F 4 8.02 -0.32 16.94
C LEU F 4 9.45 0.01 16.53
N THR F 5 9.99 1.12 17.02
CA THR F 5 11.25 1.65 16.52
C THR F 5 12.40 1.38 17.47
N GLN F 6 13.46 0.78 16.95
CA GLN F 6 14.69 0.48 17.66
C GLN F 6 15.86 1.21 17.01
N PRO F 7 16.87 1.60 17.78
CA PRO F 7 18.16 2.03 17.18
C PRO F 7 18.76 0.90 16.36
N PRO F 8 19.29 1.20 15.17
CA PRO F 8 19.80 0.12 14.32
C PRO F 8 21.05 -0.55 14.88
N SER F 9 21.85 0.17 15.64
CA SER F 9 23.13 -0.39 16.09
C SER F 9 23.44 0.06 17.51
N VAL F 10 24.14 -0.83 18.23
CA VAL F 10 24.70 -0.55 19.54
C VAL F 10 26.02 -1.28 19.65
N SER F 11 27.08 -0.56 20.02
CA SER F 11 28.40 -1.17 20.16
C SER F 11 28.94 -0.99 21.57
N VAL F 12 29.56 -2.05 22.10
CA VAL F 12 29.89 -2.11 23.51
C VAL F 12 31.09 -3.04 23.68
N SER F 13 31.99 -2.74 24.80
CA SER F 13 33.11 -3.64 25.07
C SER F 13 32.77 -4.56 26.22
N PRO F 14 33.33 -5.76 26.30
CA PRO F 14 32.88 -6.72 27.32
C PRO F 14 32.98 -6.10 28.70
N GLY F 15 31.91 -6.23 29.47
CA GLY F 15 31.80 -5.64 30.79
C GLY F 15 30.96 -4.37 30.84
N GLN F 16 30.90 -3.60 29.75
CA GLN F 16 30.00 -2.46 29.75
C GLN F 16 28.54 -2.90 29.66
N THR F 17 27.66 -1.91 29.81
CA THR F 17 26.23 -2.15 29.75
C THR F 17 25.70 -1.75 28.38
N ALA F 18 24.97 -2.66 27.76
CA ALA F 18 24.28 -2.38 26.52
C ALA F 18 22.84 -2.02 26.84
N SER F 19 22.34 -0.94 26.24
CA SER F 19 20.95 -0.54 26.36
C SER F 19 20.35 -0.47 24.96
N ILE F 20 19.35 -1.31 24.72
CA ILE F 20 18.63 -1.32 23.46
C ILE F 20 17.23 -0.81 23.75
N THR F 21 16.80 0.23 23.03
CA THR F 21 15.49 0.79 23.26
C THR F 21 14.55 0.45 22.11
N CYS F 22 13.27 0.60 22.39
CA CYS F 22 12.22 0.28 21.43
C CYS F 22 11.01 1.14 21.77
N SER F 23 10.60 1.98 20.84
CA SER F 23 9.52 2.92 21.06
C SER F 23 8.29 2.59 20.23
N GLY F 24 7.14 2.82 20.84
CA GLY F 24 5.87 2.67 20.14
C GLY F 24 4.78 3.44 20.83
N ASP F 25 3.75 3.72 20.05
CA ASP F 25 2.59 4.43 20.58
C ASP F 25 1.88 3.56 21.63
N ARG F 26 1.58 4.14 22.80
CA ARG F 26 0.89 3.42 23.88
C ARG F 26 1.60 2.13 24.29
N LEU F 27 2.93 2.07 24.09
CA LEU F 27 3.69 0.90 24.51
C LEU F 27 3.57 0.64 26.00
N ASP F 28 3.24 1.68 26.77
CA ASP F 28 3.05 1.52 28.20
C ASP F 28 1.89 0.59 28.55
N ASP F 29 0.87 0.48 27.68
CA ASP F 29 -0.26 -0.38 27.99
C ASP F 29 -0.10 -1.80 27.46
N LYS F 30 1.06 -2.12 26.91
CA LYS F 30 1.29 -3.42 26.29
C LYS F 30 2.46 -4.11 26.99
N TYR F 31 2.51 -5.42 26.83
CA TYR F 31 3.66 -6.19 27.27
C TYR F 31 4.68 -6.30 26.15
N ALA F 32 5.91 -5.98 26.47
CA ALA F 32 7.00 -6.05 25.50
C ALA F 32 7.82 -7.32 25.74
N SER F 33 8.26 -7.93 24.66
CA SER F 33 9.17 -9.05 24.74
C SER F 33 10.37 -8.77 23.86
N TRP F 34 11.44 -9.51 24.08
CA TRP F 34 12.70 -9.32 23.37
C TRP F 34 13.20 -10.68 22.91
N TYR F 35 13.71 -10.72 21.70
CA TYR F 35 14.30 -11.91 21.12
C TYR F 35 15.74 -11.64 20.76
N GLN F 36 16.60 -12.63 21.03
CA GLN F 36 17.98 -12.61 20.62
C GLN F 36 18.16 -13.49 19.38
N GLN F 37 18.82 -12.96 18.35
CA GLN F 37 19.11 -13.75 17.15
C GLN F 37 20.58 -13.64 16.82
N LYS F 38 21.31 -14.72 17.06
CA LYS F 38 22.70 -14.81 16.70
C LYS F 38 22.88 -15.19 15.24
N ALA F 39 24.04 -14.83 14.69
CA ALA F 39 24.31 -14.99 13.27
C ALA F 39 23.94 -16.39 12.82
N GLY F 40 23.06 -16.46 11.82
CA GLY F 40 22.66 -17.74 11.25
C GLY F 40 21.83 -18.65 12.15
N GLN F 41 21.14 -18.11 13.15
CA GLN F 41 20.39 -18.96 14.07
C GLN F 41 18.94 -18.47 14.15
N SER F 42 18.10 -19.29 14.76
CA SER F 42 16.73 -18.92 15.07
C SER F 42 16.70 -17.96 16.26
N PRO F 43 15.66 -17.12 16.34
CA PRO F 43 15.49 -16.27 17.53
C PRO F 43 15.32 -17.08 18.81
N VAL F 44 15.71 -16.46 19.92
CA VAL F 44 15.55 -17.02 21.25
C VAL F 44 14.90 -15.96 22.12
N LEU F 45 13.83 -16.31 22.81
CA LEU F 45 13.19 -15.37 23.73
C LEU F 45 14.08 -15.13 24.94
N VAL F 46 14.36 -13.85 25.26
CA VAL F 46 15.19 -13.54 26.42
C VAL F 46 14.40 -12.75 27.46
N ILE F 47 13.39 -12.01 27.05
CA ILE F 47 12.55 -11.24 27.95
C ILE F 47 11.11 -11.29 27.46
N TYR F 48 10.17 -11.48 28.39
CA TYR F 48 8.75 -11.42 28.09
C TYR F 48 8.02 -10.76 29.24
N GLN F 49 6.82 -10.28 28.93
CA GLN F 49 5.99 -9.56 29.88
C GLN F 49 6.78 -8.42 30.50
N ASP F 50 7.49 -7.68 29.64
CA ASP F 50 8.33 -6.52 29.96
C ASP F 50 9.65 -6.84 30.66
N ASN F 51 9.63 -7.60 31.76
CA ASN F 51 10.83 -7.78 32.56
C ASN F 51 11.08 -9.22 33.00
N LYS F 52 10.31 -10.19 32.56
CA LYS F 52 10.56 -11.55 32.99
C LYS F 52 11.49 -12.24 32.01
N ARG F 53 12.26 -13.16 32.54
CA ARG F 53 13.29 -13.84 31.82
C ARG F 53 12.97 -15.33 31.84
N PRO F 54 12.98 -16.03 30.71
CA PRO F 54 12.69 -17.46 30.78
C PRO F 54 13.84 -18.19 31.41
N SER F 55 13.53 -19.37 31.93
CA SER F 55 14.57 -20.12 32.61
C SER F 55 15.67 -20.50 31.63
N GLY F 56 16.91 -20.44 32.10
CA GLY F 56 18.05 -20.64 31.23
C GLY F 56 18.62 -19.38 30.59
N ILE F 57 17.92 -18.26 30.64
CA ILE F 57 18.52 -17.04 30.11
C ILE F 57 19.39 -16.41 31.19
N PRO F 58 20.65 -16.06 30.87
CA PRO F 58 21.53 -15.44 31.85
C PRO F 58 20.91 -14.23 32.53
N GLU F 59 21.26 -14.07 33.80
CA GLU F 59 20.67 -13.05 34.63
C GLU F 59 21.16 -11.64 34.32
N ARG F 60 22.18 -11.49 33.45
CA ARG F 60 22.60 -10.14 33.04
C ARG F 60 21.63 -9.48 32.06
N PHE F 61 20.63 -10.20 31.55
CA PHE F 61 19.57 -9.62 30.74
C PHE F 61 18.41 -9.16 31.62
N SER F 62 17.97 -7.92 31.41
CA SER F 62 16.85 -7.41 32.18
C SER F 62 16.04 -6.47 31.30
N GLY F 63 14.77 -6.30 31.68
CA GLY F 63 13.85 -5.52 30.89
C GLY F 63 13.06 -4.54 31.72
N SER F 64 12.62 -3.48 31.07
CA SER F 64 11.76 -2.47 31.64
C SER F 64 10.88 -1.93 30.52
N ASN F 65 9.75 -1.37 30.91
CA ASN F 65 8.82 -0.77 29.97
C ASN F 65 8.28 0.48 30.65
N SER F 66 8.63 1.64 30.13
CA SER F 66 8.26 2.87 30.80
C SER F 66 8.27 4.03 29.82
N GLY F 67 7.31 4.94 29.98
CA GLY F 67 7.20 6.10 29.10
C GLY F 67 7.13 5.72 27.64
N ASN F 68 6.37 4.66 27.33
CA ASN F 68 6.26 4.18 25.97
C ASN F 68 7.61 3.79 25.36
N THR F 69 8.54 3.34 26.20
CA THR F 69 9.82 2.85 25.72
C THR F 69 10.16 1.57 26.48
N ALA F 70 10.33 0.48 25.75
CA ALA F 70 10.87 -0.74 26.32
C ALA F 70 12.39 -0.72 26.17
N THR F 71 13.09 -1.26 27.15
CA THR F 71 14.53 -1.23 27.18
C THR F 71 15.04 -2.60 27.59
N LEU F 72 15.91 -3.16 26.77
CA LEU F 72 16.64 -4.37 27.10
C LEU F 72 18.03 -3.96 27.56
N THR F 73 18.36 -4.29 28.79
CA THR F 73 19.65 -3.96 29.41
C THR F 73 20.45 -5.24 29.58
N ILE F 74 21.66 -5.24 29.04
CA ILE F 74 22.63 -6.33 29.27
C ILE F 74 23.70 -5.77 30.18
N SER F 75 23.67 -6.18 31.44
CA SER F 75 24.67 -5.76 32.40
C SER F 75 25.88 -6.66 32.29
N GLY F 76 27.07 -6.06 32.31
CA GLY F 76 28.29 -6.83 32.18
C GLY F 76 28.29 -7.66 30.90
N THR F 77 28.10 -7.00 29.76
CA THR F 77 27.93 -7.70 28.48
C THR F 77 29.13 -8.58 28.19
N GLN F 78 28.86 -9.75 27.64
CA GLN F 78 29.89 -10.69 27.26
C GLN F 78 29.97 -10.83 25.74
N ALA F 79 31.10 -11.37 25.28
CA ALA F 79 31.30 -11.58 23.85
C ALA F 79 30.20 -12.44 23.24
N MET F 80 29.71 -13.43 23.98
CA MET F 80 28.70 -14.34 23.46
C MET F 80 27.32 -13.71 23.34
N ASP F 81 27.12 -12.50 23.85
CA ASP F 81 25.87 -11.77 23.72
C ASP F 81 25.77 -10.98 22.43
N GLU F 82 26.81 -11.01 21.58
CA GLU F 82 26.72 -10.41 20.26
C GLU F 82 25.57 -11.03 19.46
N ALA F 83 24.64 -10.18 19.02
CA ALA F 83 23.45 -10.66 18.35
C ALA F 83 22.67 -9.47 17.82
N ASP F 84 21.66 -9.78 17.02
CA ASP F 84 20.55 -8.89 16.69
C ASP F 84 19.46 -9.07 17.72
N TYR F 85 18.88 -7.96 18.18
CA TYR F 85 17.80 -8.01 19.17
C TYR F 85 16.54 -7.37 18.63
N TYR F 86 15.42 -8.08 18.75
CA TYR F 86 14.14 -7.56 18.30
C TYR F 86 13.23 -7.41 19.50
N CYS F 87 12.60 -6.27 19.59
CA CYS F 87 11.52 -6.01 20.52
C CYS F 87 10.22 -6.48 19.87
N GLN F 88 9.27 -6.92 20.68
CA GLN F 88 8.01 -7.38 20.12
C GLN F 88 6.86 -6.98 21.02
N ALA F 89 5.71 -6.71 20.41
CA ALA F 89 4.52 -6.27 21.12
C ALA F 89 3.31 -6.60 20.25
N TRP F 90 2.13 -6.31 20.76
CA TRP F 90 0.87 -6.62 20.11
C TRP F 90 -0.04 -5.41 19.99
N ASP F 91 -0.69 -5.29 18.85
CA ASP F 91 -1.65 -4.22 18.65
C ASP F 91 -2.76 -4.65 17.69
N SER F 92 -4.02 -4.49 18.10
CA SER F 92 -5.18 -4.78 17.23
C SER F 92 -5.08 -6.12 16.47
N ASP F 93 -4.91 -7.21 17.23
CA ASP F 93 -4.78 -8.55 16.66
C ASP F 93 -3.56 -8.72 15.75
N THR F 94 -2.50 -7.98 16.01
CA THR F 94 -1.30 -8.06 15.21
C THR F 94 -0.12 -8.16 16.15
N TYR F 95 0.77 -9.11 15.90
CA TYR F 95 2.00 -9.28 16.65
C TYR F 95 2.99 -8.43 15.86
N VAL F 96 3.69 -7.51 16.51
CA VAL F 96 4.61 -6.64 15.79
C VAL F 96 6.04 -6.75 16.34
N PHE F 97 6.99 -7.03 15.45
CA PHE F 97 8.40 -7.06 15.79
C PHE F 97 9.01 -5.68 15.50
N GLY F 98 9.98 -5.31 16.32
CA GLY F 98 10.67 -4.06 16.11
C GLY F 98 11.62 -4.12 14.94
N THR F 99 12.15 -2.95 14.60
CA THR F 99 13.04 -2.82 13.46
C THR F 99 14.37 -3.57 13.67
N GLY F 100 14.77 -3.85 14.92
CA GLY F 100 15.96 -4.65 15.15
C GLY F 100 17.21 -3.83 15.49
N THR F 101 18.04 -4.35 16.39
CA THR F 101 19.26 -3.67 16.81
C THR F 101 20.41 -4.65 16.72
N LYS F 102 21.44 -4.30 15.95
CA LYS F 102 22.65 -5.08 15.89
C LYS F 102 23.56 -4.68 17.05
N VAL F 103 23.90 -5.64 17.90
CA VAL F 103 24.70 -5.37 19.08
C VAL F 103 26.09 -5.97 18.87
N THR F 104 27.08 -5.11 18.73
CA THR F 104 28.46 -5.56 18.56
C THR F 104 29.14 -5.49 19.92
N VAL F 105 29.76 -6.59 20.31
CA VAL F 105 30.58 -6.64 21.51
C VAL F 105 32.02 -6.80 21.02
N LEU F 106 32.81 -5.76 21.24
CA LEU F 106 34.19 -5.72 20.74
C LEU F 106 35.04 -6.64 21.59
N GLY F 107 35.01 -7.92 21.23
CA GLY F 107 35.67 -8.96 22.00
C GLY F 107 37.14 -9.16 21.72
N GLN F 108 37.60 -8.81 20.53
CA GLN F 108 38.98 -8.92 20.11
C GLN F 108 39.57 -7.52 19.92
N PRO F 109 40.87 -7.40 19.79
CA PRO F 109 41.46 -6.13 19.36
C PRO F 109 41.30 -5.91 17.85
N LYS F 110 41.32 -4.64 17.46
CA LYS F 110 41.11 -4.28 16.06
C LYS F 110 42.15 -4.94 15.17
N ALA F 111 41.68 -5.47 14.04
CA ALA F 111 42.54 -6.13 13.06
C ALA F 111 42.23 -5.60 11.67
N ALA F 112 43.28 -5.10 10.97
CA ALA F 112 43.02 -4.56 9.65
C ALA F 112 42.93 -5.70 8.63
N PRO F 113 42.13 -5.53 7.59
CA PRO F 113 41.94 -6.64 6.63
C PRO F 113 43.16 -6.83 5.76
N SER F 114 43.50 -8.09 5.50
CA SER F 114 44.37 -8.43 4.39
C SER F 114 43.53 -8.69 3.13
N VAL F 115 43.98 -8.16 2.01
CA VAL F 115 43.23 -8.22 0.76
C VAL F 115 44.04 -9.00 -0.27
N THR F 116 43.38 -9.96 -0.91
CA THR F 116 43.96 -10.78 -1.98
C THR F 116 43.07 -10.66 -3.18
N LEU F 117 43.63 -10.19 -4.28
CA LEU F 117 42.85 -9.87 -5.48
C LEU F 117 43.29 -10.83 -6.59
N PHE F 118 42.37 -11.73 -7.05
CA PHE F 118 42.66 -12.67 -8.14
C PHE F 118 42.20 -12.11 -9.47
N PRO F 119 43.07 -12.09 -10.48
CA PRO F 119 42.62 -11.76 -11.85
C PRO F 119 41.83 -12.91 -12.44
N PRO F 120 41.21 -12.73 -13.60
CA PRO F 120 40.53 -13.85 -14.26
C PRO F 120 41.51 -14.96 -14.61
N SER F 121 41.12 -16.20 -14.33
CA SER F 121 41.91 -17.35 -14.75
C SER F 121 41.90 -17.51 -16.27
N SER F 122 42.90 -18.24 -16.77
CA SER F 122 42.91 -18.54 -18.21
C SER F 122 41.70 -19.35 -18.64
N GLU F 123 41.19 -20.22 -17.77
CA GLU F 123 40.00 -21.00 -18.15
C GLU F 123 38.80 -20.09 -18.32
N GLU F 124 38.64 -19.10 -17.45
CA GLU F 124 37.51 -18.20 -17.59
C GLU F 124 37.61 -17.40 -18.88
N LEU F 125 38.79 -16.86 -19.14
CA LEU F 125 39.01 -16.09 -20.34
C LEU F 125 38.87 -16.94 -21.58
N GLN F 126 39.25 -18.23 -21.51
CA GLN F 126 39.00 -19.05 -22.69
C GLN F 126 37.54 -19.41 -22.84
N ALA F 127 36.73 -19.24 -21.81
CA ALA F 127 35.28 -19.35 -21.94
C ALA F 127 34.59 -18.02 -22.23
N ASN F 128 35.34 -17.00 -22.67
CA ASN F 128 34.80 -15.66 -22.99
C ASN F 128 34.12 -15.00 -21.78
N LYS F 129 34.69 -15.19 -20.59
CA LYS F 129 34.20 -14.57 -19.37
C LYS F 129 35.40 -14.03 -18.59
N ALA F 130 35.12 -13.23 -17.57
CA ALA F 130 36.16 -12.60 -16.75
C ALA F 130 35.55 -12.13 -15.43
N THR F 131 36.05 -12.66 -14.30
CA THR F 131 35.61 -12.22 -12.99
C THR F 131 36.86 -11.92 -12.17
N LEU F 132 36.92 -10.72 -11.62
CA LEU F 132 37.89 -10.41 -10.60
C LEU F 132 37.31 -10.84 -9.26
N VAL F 133 38.13 -11.48 -8.43
CA VAL F 133 37.71 -11.97 -7.12
C VAL F 133 38.58 -11.32 -6.06
N CYS F 134 37.94 -10.70 -5.09
CA CYS F 134 38.64 -9.99 -4.02
C CYS F 134 38.29 -10.68 -2.72
N LEU F 135 39.28 -11.32 -2.10
CA LEU F 135 39.06 -11.95 -0.81
C LEU F 135 39.60 -11.03 0.27
N ILE F 136 38.78 -10.82 1.31
CA ILE F 136 39.11 -9.93 2.41
C ILE F 136 39.09 -10.79 3.67
N SER F 137 40.22 -10.85 4.38
CA SER F 137 40.43 -11.84 5.43
C SER F 137 40.97 -11.20 6.71
N ASP F 138 40.71 -11.88 7.83
CA ASP F 138 41.39 -11.64 9.10
C ASP F 138 41.19 -10.21 9.61
N PHE F 139 39.97 -9.69 9.52
CA PHE F 139 39.71 -8.35 10.03
C PHE F 139 38.74 -8.39 11.20
N TYR F 140 38.83 -7.36 12.03
CA TYR F 140 37.97 -7.23 13.21
C TYR F 140 37.92 -5.78 13.65
N PRO F 141 36.73 -5.22 13.93
CA PRO F 141 35.38 -5.81 13.91
C PRO F 141 34.91 -6.15 12.49
N GLY F 142 33.76 -6.81 12.39
CA GLY F 142 33.24 -7.37 11.17
C GLY F 142 32.64 -6.46 10.13
N ALA F 143 32.76 -5.12 10.22
CA ALA F 143 32.17 -4.22 9.24
C ALA F 143 33.22 -3.72 8.24
N VAL F 144 32.88 -3.77 6.95
CA VAL F 144 33.83 -3.39 5.91
C VAL F 144 33.02 -2.86 4.72
N THR F 145 33.62 -2.00 3.93
CA THR F 145 32.99 -1.53 2.68
C THR F 145 33.99 -1.74 1.55
N VAL F 146 33.50 -2.17 0.41
CA VAL F 146 34.34 -2.45 -0.74
C VAL F 146 33.97 -1.51 -1.89
N ALA F 147 34.98 -0.93 -2.51
CA ALA F 147 34.80 -0.10 -3.71
C ALA F 147 35.81 -0.54 -4.77
N TRP F 148 35.36 -0.65 -6.01
CA TRP F 148 36.25 -1.05 -7.09
C TRP F 148 36.57 0.14 -7.99
N LYS F 149 37.77 0.11 -8.56
CA LYS F 149 38.23 1.12 -9.50
C LYS F 149 38.67 0.44 -10.79
N ALA F 150 38.26 1.02 -11.91
CA ALA F 150 38.74 0.67 -13.24
C ALA F 150 39.64 1.82 -13.65
N ASP F 151 40.93 1.55 -13.73
CA ASP F 151 41.92 2.62 -13.75
C ASP F 151 41.73 3.44 -12.47
N SER F 152 41.29 4.69 -12.60
CA SER F 152 40.91 5.50 -11.44
C SER F 152 39.40 5.69 -11.29
N SER F 153 38.61 5.14 -12.18
CA SER F 153 37.20 5.43 -12.26
C SER F 153 36.40 4.51 -11.35
N PRO F 154 35.45 5.05 -10.61
CA PRO F 154 34.62 4.20 -9.76
C PRO F 154 33.81 3.23 -10.61
N VAL F 155 33.83 1.96 -10.23
CA VAL F 155 33.08 0.92 -10.94
C VAL F 155 31.68 0.85 -10.34
N LYS F 156 30.66 1.01 -11.16
CA LYS F 156 29.28 0.99 -10.70
C LYS F 156 28.46 -0.14 -11.31
N ALA F 157 29.10 -1.08 -12.01
CA ALA F 157 28.37 -2.18 -12.61
C ALA F 157 29.17 -3.47 -12.43
N GLY F 158 28.46 -4.58 -12.25
CA GLY F 158 29.07 -5.91 -12.15
C GLY F 158 29.65 -6.31 -10.82
N VAL F 159 29.38 -5.56 -9.74
CA VAL F 159 29.94 -5.82 -8.41
C VAL F 159 28.95 -6.57 -7.54
N GLU F 160 29.40 -7.64 -6.89
CA GLU F 160 28.66 -8.29 -5.82
C GLU F 160 29.60 -8.57 -4.67
N THR F 161 29.11 -8.38 -3.44
CA THR F 161 29.90 -8.44 -2.22
C THR F 161 29.12 -9.22 -1.14
N THR F 162 29.78 -10.18 -0.49
CA THR F 162 29.15 -10.94 0.59
C THR F 162 29.17 -10.13 1.89
N THR F 163 28.20 -10.46 2.78
CA THR F 163 28.26 -9.94 4.14
C THR F 163 29.33 -10.70 4.93
N PRO F 164 30.12 -10.00 5.73
CA PRO F 164 31.23 -10.66 6.44
C PRO F 164 30.75 -11.82 7.28
N SER F 165 31.60 -12.83 7.41
CA SER F 165 31.28 -14.04 8.16
C SER F 165 32.52 -14.49 8.91
N LYS F 166 32.31 -15.14 10.05
CA LYS F 166 33.42 -15.54 10.91
C LYS F 166 34.28 -16.62 10.26
N GLN F 167 35.59 -16.44 10.35
CA GLN F 167 36.55 -17.51 10.10
C GLN F 167 36.69 -18.42 11.30
N SER F 168 37.55 -19.42 11.16
CA SER F 168 37.66 -20.36 12.25
C SER F 168 38.54 -19.86 13.40
N ASN F 169 39.14 -18.67 13.29
CA ASN F 169 39.79 -17.99 14.41
C ASN F 169 38.98 -16.82 14.95
N ASN F 170 37.69 -16.74 14.62
CA ASN F 170 36.77 -15.70 15.08
C ASN F 170 37.08 -14.31 14.54
N LYS F 171 38.01 -14.17 13.61
CA LYS F 171 38.04 -12.95 12.83
C LYS F 171 37.12 -13.11 11.61
N TYR F 172 36.96 -12.04 10.86
CA TYR F 172 35.98 -12.01 9.80
C TYR F 172 36.63 -12.09 8.43
N ALA F 173 35.89 -12.70 7.49
CA ALA F 173 36.26 -12.71 6.09
C ALA F 173 35.09 -12.24 5.24
N ALA F 174 35.42 -11.68 4.07
CA ALA F 174 34.40 -11.26 3.12
C ALA F 174 34.98 -11.38 1.71
N SER F 175 34.10 -11.33 0.73
CA SER F 175 34.48 -11.55 -0.65
C SER F 175 33.69 -10.57 -1.52
N SER F 176 34.29 -10.16 -2.64
CA SER F 176 33.66 -9.27 -3.60
C SER F 176 34.07 -9.67 -5.02
N TYR F 177 33.13 -9.58 -5.96
CA TYR F 177 33.34 -10.00 -7.34
C TYR F 177 33.05 -8.84 -8.27
N LEU F 178 33.88 -8.72 -9.30
CA LEU F 178 33.63 -7.78 -10.39
C LEU F 178 33.56 -8.62 -11.65
N SER F 179 32.37 -8.72 -12.25
CA SER F 179 32.16 -9.49 -13.47
C SER F 179 32.33 -8.58 -14.69
N LEU F 180 33.20 -9.00 -15.60
CA LEU F 180 33.56 -8.21 -16.78
C LEU F 180 33.45 -9.05 -18.03
N THR F 181 33.43 -8.37 -19.16
CA THR F 181 33.76 -9.06 -20.39
C THR F 181 35.28 -9.14 -20.50
N PRO F 182 35.81 -10.16 -21.20
CA PRO F 182 37.28 -10.20 -21.41
C PRO F 182 37.82 -8.95 -22.10
N GLU F 183 37.06 -8.39 -23.06
CA GLU F 183 37.51 -7.16 -23.71
C GLU F 183 37.61 -6.02 -22.73
N GLN F 184 36.62 -5.89 -21.84
CA GLN F 184 36.62 -4.83 -20.84
C GLN F 184 37.81 -4.99 -19.88
N TRP F 185 38.12 -6.22 -19.50
CA TRP F 185 39.27 -6.47 -18.65
C TRP F 185 40.57 -6.06 -19.34
N LYS F 186 40.77 -6.49 -20.60
CA LYS F 186 42.04 -6.28 -21.29
C LYS F 186 42.21 -4.86 -21.80
N SER F 187 41.16 -4.05 -21.76
CA SER F 187 41.23 -2.71 -22.30
C SER F 187 41.43 -1.66 -21.20
N HIS F 188 41.81 -2.08 -20.00
CA HIS F 188 42.07 -1.16 -18.91
C HIS F 188 43.49 -1.38 -18.44
N LYS F 189 44.08 -0.34 -17.87
CA LYS F 189 45.41 -0.54 -17.34
C LYS F 189 45.37 -1.37 -16.08
N SER F 190 44.42 -1.10 -15.19
CA SER F 190 44.44 -1.75 -13.90
C SER F 190 43.04 -1.74 -13.30
N TYR F 191 42.80 -2.71 -12.43
CA TYR F 191 41.62 -2.74 -11.57
C TYR F 191 42.06 -2.76 -10.12
N SER F 192 41.31 -2.07 -9.27
CA SER F 192 41.66 -2.09 -7.85
C SER F 192 40.45 -2.47 -7.02
N CYS F 193 40.73 -3.18 -5.95
CA CYS F 193 39.78 -3.51 -4.90
C CYS F 193 40.19 -2.70 -3.70
N GLN F 194 39.31 -1.80 -3.26
CA GLN F 194 39.58 -0.87 -2.17
C GLN F 194 38.66 -1.17 -1.01
N VAL F 195 39.25 -1.60 0.09
CA VAL F 195 38.52 -2.07 1.25
C VAL F 195 38.71 -1.10 2.39
N THR F 196 37.61 -0.53 2.86
CA THR F 196 37.63 0.44 3.96
C THR F 196 37.13 -0.23 5.23
N HIS F 197 37.98 -0.23 6.25
CA HIS F 197 37.70 -0.87 7.53
C HIS F 197 38.06 0.12 8.63
N GLU F 198 37.04 0.65 9.32
CA GLU F 198 37.23 1.63 10.39
C GLU F 198 37.98 2.85 9.89
N GLY F 199 37.50 3.41 8.78
CA GLY F 199 38.04 4.62 8.20
C GLY F 199 39.37 4.52 7.51
N SER F 200 40.03 3.35 7.53
CA SER F 200 41.31 3.14 6.86
C SER F 200 41.15 2.19 5.68
N THR F 201 41.67 2.58 4.51
CA THR F 201 41.46 1.86 3.26
C THR F 201 42.71 1.05 2.89
N VAL F 202 42.52 -0.25 2.69
CA VAL F 202 43.52 -1.14 2.12
C VAL F 202 43.13 -1.46 0.69
N GLU F 203 44.09 -1.44 -0.23
CA GLU F 203 43.76 -1.69 -1.62
C GLU F 203 44.77 -2.63 -2.26
N LYS F 204 44.28 -3.43 -3.20
CA LYS F 204 45.15 -4.22 -4.06
C LYS F 204 44.77 -3.99 -5.51
N THR F 205 45.73 -4.18 -6.42
CA THR F 205 45.57 -3.83 -7.82
C THR F 205 46.13 -4.94 -8.70
N VAL F 206 45.42 -5.25 -9.79
CA VAL F 206 45.89 -6.22 -10.78
C VAL F 206 45.75 -5.60 -12.16
N ALA F 207 46.45 -6.18 -13.12
CA ALA F 207 46.54 -5.64 -14.47
C ALA F 207 46.54 -6.79 -15.46
N PRO F 208 46.01 -6.58 -16.66
CA PRO F 208 46.08 -7.63 -17.68
C PRO F 208 47.49 -8.00 -18.09
N THR F 209 48.44 -7.09 -17.92
CA THR F 209 49.82 -7.29 -18.36
C THR F 209 50.69 -7.99 -17.31
N GLU F 210 50.09 -8.70 -16.36
CA GLU F 210 50.85 -9.42 -15.32
C GLU F 210 50.60 -10.91 -15.46
#